data_4EHJ
#
_entry.id   4EHJ
#
_cell.length_a   98.733
_cell.length_b   117.185
_cell.length_c   143.759
_cell.angle_alpha   90.00
_cell.angle_beta   90.00
_cell.angle_gamma   90.00
#
_symmetry.space_group_name_H-M   'C 2 2 21'
#
loop_
_entity.id
_entity.type
_entity.pdbx_description
1 polymer 'Phosphoglycerate kinase'
2 non-polymer 'SULFATE ION'
3 water water
#
_entity_poly.entity_id   1
_entity_poly.type   'polypeptide(L)'
_entity_poly.pdbx_seq_one_letter_code
;(MSE)SFLTLKDVDLKDKKVLVRVDFNVPVKDGKVTSKVRIEAAIPTIQYILDQGGAVIL(MSE)SHLGRPTEGEYDSQF
SLEPVAKALSEIINKPVKFAKDWLDGVDVKAGEIV(MSE)CENVRFNSGEKKSTDDLSKKIASLGDVFV(MSE)DAFATA
HRAQASTYGVAKYIPVACAGILLTNEIQALEKALKSPKKP(MSE)AAIVGGSKVSTKLSVLNNLLDKVEILIVGGGIANT
FIKAEGFDVGNSLYEQDLVAEATEILAKAKALGVNIPVPVDVRVAKEFSENAQAIIKKVSDVVADE(MSE)ILDIGPESQ
KIIAELLKSANTILWNGPVGVFEFDNFAEGTKALSLAIAQSHAFSVAGGGDTIAAIEKFGIKDQVSYISTAGGAFLEFLE
GKKLPAIEILKEKAIR
;
_entity_poly.pdbx_strand_id   A,B
#
# COMPACT_ATOMS: atom_id res chain seq x y z
N SER A 2 20.43 -7.88 -15.62
CA SER A 2 19.91 -8.91 -14.72
C SER A 2 20.26 -10.29 -15.22
N PHE A 3 19.53 -11.29 -14.72
CA PHE A 3 19.69 -12.66 -15.15
C PHE A 3 18.29 -13.22 -15.26
N LEU A 4 18.15 -14.29 -16.02
CA LEU A 4 16.84 -14.90 -16.22
C LEU A 4 16.44 -15.80 -15.06
N THR A 5 15.14 -15.88 -14.83
CA THR A 5 14.59 -16.72 -13.76
C THR A 5 13.68 -17.78 -14.41
N LEU A 6 13.23 -18.78 -13.61
CA LEU A 6 12.34 -19.85 -14.09
C LEU A 6 11.01 -19.28 -14.63
N LYS A 7 10.51 -18.19 -14.02
CA LYS A 7 9.27 -17.53 -14.41
C LYS A 7 9.34 -16.87 -15.79
N ASP A 8 10.55 -16.63 -16.33
CA ASP A 8 10.60 -16.00 -17.65
C ASP A 8 11.32 -16.86 -18.72
N VAL A 9 11.17 -18.19 -18.63
CA VAL A 9 11.73 -19.14 -19.59
C VAL A 9 10.66 -20.18 -19.95
N ASP A 10 10.72 -20.72 -21.19
CA ASP A 10 9.81 -21.77 -21.66
C ASP A 10 10.34 -23.15 -21.25
N LEU A 11 9.58 -23.85 -20.38
CA LEU A 11 9.99 -25.16 -19.85
C LEU A 11 9.10 -26.33 -20.35
N LYS A 12 7.95 -26.06 -21.02
CA LYS A 12 7.02 -27.09 -21.51
C LYS A 12 7.67 -27.99 -22.58
N ASP A 13 7.74 -29.33 -22.28
CA ASP A 13 8.30 -30.41 -23.09
C ASP A 13 9.80 -30.17 -23.37
N LYS A 14 10.51 -29.73 -22.32
CA LYS A 14 11.94 -29.44 -22.37
C LYS A 14 12.69 -30.32 -21.38
N LYS A 15 13.92 -30.70 -21.75
CA LYS A 15 14.85 -31.44 -20.90
C LYS A 15 15.59 -30.36 -20.13
N VAL A 16 15.22 -30.19 -18.85
CA VAL A 16 15.73 -29.13 -18.01
C VAL A 16 16.78 -29.66 -17.02
N LEU A 17 18.05 -29.25 -17.21
CA LEU A 17 19.17 -29.58 -16.34
C LEU A 17 19.18 -28.64 -15.15
N VAL A 18 19.11 -29.20 -13.93
CA VAL A 18 19.11 -28.39 -12.71
C VAL A 18 20.35 -28.67 -11.88
N ARG A 19 21.12 -27.62 -11.54
CA ARG A 19 22.27 -27.73 -10.65
C ARG A 19 21.81 -27.37 -9.23
N VAL A 20 21.71 -28.38 -8.37
CA VAL A 20 21.24 -28.23 -6.98
C VAL A 20 22.38 -28.49 -5.97
N ASP A 21 22.18 -28.02 -4.72
CA ASP A 21 23.09 -28.29 -3.62
C ASP A 21 22.52 -29.49 -2.85
N PHE A 22 22.93 -30.71 -3.27
CA PHE A 22 22.57 -31.98 -2.64
C PHE A 22 23.80 -32.58 -1.95
N ASN A 23 24.67 -31.71 -1.40
CA ASN A 23 25.84 -32.16 -0.67
C ASN A 23 25.38 -32.48 0.77
N VAL A 24 24.50 -33.48 0.90
CA VAL A 24 23.90 -33.91 2.16
C VAL A 24 24.76 -34.96 2.88
N PRO A 25 24.81 -34.92 4.24
CA PRO A 25 25.57 -35.94 4.98
C PRO A 25 24.94 -37.33 4.86
N VAL A 26 25.78 -38.38 4.70
CA VAL A 26 25.33 -39.78 4.51
C VAL A 26 26.02 -40.73 5.53
N LYS A 27 25.23 -41.69 6.06
CA LYS A 27 25.60 -42.70 7.05
C LYS A 27 24.73 -43.96 6.88
N ASP A 28 25.41 -45.11 6.62
CA ASP A 28 24.85 -46.45 6.40
C ASP A 28 23.86 -46.43 5.22
N GLY A 29 24.31 -45.86 4.11
CA GLY A 29 23.55 -45.77 2.87
C GLY A 29 22.25 -44.97 2.94
N LYS A 30 22.06 -44.21 4.02
CA LYS A 30 20.90 -43.36 4.27
C LYS A 30 21.37 -41.92 4.51
N VAL A 31 20.65 -40.94 3.95
CA VAL A 31 20.99 -39.53 4.20
C VAL A 31 20.55 -39.19 5.65
N THR A 32 21.31 -38.36 6.36
CA THR A 32 21.00 -38.01 7.75
C THR A 32 20.33 -36.63 7.86
N SER A 33 20.38 -35.82 6.78
CA SER A 33 19.69 -34.52 6.72
C SER A 33 18.85 -34.42 5.45
N LYS A 34 17.64 -33.82 5.55
CA LYS A 34 16.71 -33.66 4.42
C LYS A 34 16.57 -32.18 3.99
N VAL A 35 17.13 -31.23 4.77
CA VAL A 35 17.01 -29.77 4.61
C VAL A 35 17.34 -29.31 3.17
N ARG A 36 18.47 -29.73 2.58
CA ARG A 36 18.90 -29.37 1.22
C ARG A 36 17.99 -29.96 0.17
N ILE A 37 17.47 -31.19 0.39
CA ILE A 37 16.55 -31.85 -0.54
C ILE A 37 15.21 -31.10 -0.47
N GLU A 38 14.68 -30.88 0.73
CA GLU A 38 13.43 -30.15 0.94
C GLU A 38 13.48 -28.72 0.39
N ALA A 39 14.67 -28.13 0.35
CA ALA A 39 14.89 -26.78 -0.14
C ALA A 39 14.71 -26.70 -1.67
N ALA A 40 15.17 -27.73 -2.42
CA ALA A 40 15.07 -27.76 -3.88
C ALA A 40 13.65 -28.08 -4.41
N ILE A 41 12.78 -28.70 -3.59
CA ILE A 41 11.42 -29.12 -3.97
C ILE A 41 10.64 -28.00 -4.73
N PRO A 42 10.53 -26.72 -4.26
CA PRO A 42 9.76 -25.71 -5.02
C PRO A 42 10.23 -25.48 -6.47
N THR A 43 11.56 -25.58 -6.72
CA THR A 43 12.14 -25.43 -8.06
C THR A 43 11.68 -26.61 -8.94
N ILE A 44 11.85 -27.87 -8.46
CA ILE A 44 11.50 -29.10 -9.16
C ILE A 44 10.00 -29.10 -9.47
N GLN A 45 9.15 -28.82 -8.46
CA GLN A 45 7.70 -28.80 -8.66
C GLN A 45 7.27 -27.80 -9.73
N TYR A 46 7.90 -26.59 -9.76
CA TYR A 46 7.60 -25.58 -10.78
C TYR A 46 7.91 -26.13 -12.17
N ILE A 47 9.11 -26.75 -12.37
CA ILE A 47 9.52 -27.33 -13.68
C ILE A 47 8.50 -28.41 -14.11
N LEU A 48 8.12 -29.30 -13.18
CA LEU A 48 7.17 -30.40 -13.43
C LEU A 48 5.79 -29.87 -13.81
N ASP A 49 5.29 -28.85 -13.08
CA ASP A 49 3.98 -28.21 -13.33
C ASP A 49 3.96 -27.43 -14.65
N GLN A 50 5.13 -26.94 -15.11
CA GLN A 50 5.25 -26.22 -16.38
C GLN A 50 5.35 -27.19 -17.58
N GLY A 51 5.48 -28.48 -17.29
CA GLY A 51 5.52 -29.54 -18.30
C GLY A 51 6.89 -29.95 -18.78
N GLY A 52 7.91 -29.70 -17.96
CA GLY A 52 9.28 -30.06 -18.30
C GLY A 52 9.74 -31.38 -17.72
N ALA A 53 10.95 -31.80 -18.11
CA ALA A 53 11.62 -33.00 -17.62
C ALA A 53 12.82 -32.57 -16.76
N VAL A 54 12.85 -33.02 -15.49
CA VAL A 54 13.89 -32.63 -14.53
C VAL A 54 15.10 -33.60 -14.56
N ILE A 55 16.30 -33.05 -14.79
CA ILE A 55 17.60 -33.74 -14.79
C ILE A 55 18.43 -33.09 -13.65
N LEU A 56 18.44 -33.70 -12.44
CA LEU A 56 19.13 -33.15 -11.26
C LEU A 56 20.63 -33.40 -11.29
N SER A 58 24.29 -32.57 -8.99
CA SER A 58 24.90 -32.12 -7.75
C SER A 58 26.27 -32.75 -7.50
N HIS A 59 26.98 -32.14 -6.56
CA HIS A 59 28.25 -32.60 -6.03
C HIS A 59 27.94 -33.22 -4.66
N LEU A 60 28.80 -34.12 -4.19
CA LEU A 60 28.63 -34.75 -2.88
C LEU A 60 30.00 -35.10 -2.36
N GLY A 61 30.39 -34.42 -1.31
CA GLY A 61 31.68 -34.59 -0.67
C GLY A 61 32.85 -34.16 -1.53
N ARG A 62 34.01 -34.77 -1.22
CA ARG A 62 35.28 -34.47 -1.82
C ARG A 62 35.91 -35.69 -2.55
N PRO A 63 35.36 -36.14 -3.72
CA PRO A 63 36.00 -37.28 -4.37
C PRO A 63 37.08 -36.82 -5.38
N THR A 64 37.84 -37.79 -5.89
CA THR A 64 38.88 -37.54 -6.86
C THR A 64 38.28 -37.74 -8.26
N GLU A 65 38.54 -36.79 -9.17
CA GLU A 65 38.09 -36.84 -10.57
C GLU A 65 38.74 -38.05 -11.27
N GLY A 66 37.89 -38.91 -11.82
CA GLY A 66 38.30 -40.14 -12.49
C GLY A 66 38.28 -41.35 -11.61
N GLU A 67 37.84 -41.18 -10.35
CA GLU A 67 37.76 -42.25 -9.36
C GLU A 67 36.36 -42.33 -8.78
N TYR A 68 35.56 -43.27 -9.30
CA TYR A 68 34.22 -43.51 -8.78
C TYR A 68 34.39 -44.20 -7.43
N ASP A 69 33.82 -43.59 -6.40
CA ASP A 69 33.83 -44.14 -5.05
C ASP A 69 32.40 -44.12 -4.51
N SER A 70 31.85 -45.32 -4.23
CA SER A 70 30.51 -45.60 -3.72
C SER A 70 30.08 -44.67 -2.55
N GLN A 71 31.00 -44.35 -1.62
CA GLN A 71 30.72 -43.50 -0.46
C GLN A 71 30.46 -42.02 -0.87
N PHE A 72 30.67 -41.69 -2.17
CA PHE A 72 30.43 -40.36 -2.70
C PHE A 72 29.26 -40.37 -3.68
N SER A 73 28.64 -41.54 -3.89
CA SER A 73 27.50 -41.66 -4.81
C SER A 73 26.26 -40.95 -4.27
N LEU A 74 25.45 -40.39 -5.18
CA LEU A 74 24.19 -39.70 -4.90
C LEU A 74 22.98 -40.65 -4.96
N GLU A 75 23.21 -41.98 -4.96
CA GLU A 75 22.09 -42.93 -4.97
C GLU A 75 21.25 -42.81 -3.67
N PRO A 76 21.83 -42.63 -2.44
CA PRO A 76 20.98 -42.45 -1.25
C PRO A 76 20.19 -41.14 -1.26
N VAL A 77 20.68 -40.14 -2.00
CA VAL A 77 20.03 -38.84 -2.14
C VAL A 77 18.83 -38.99 -3.09
N ALA A 78 19.00 -39.77 -4.18
CA ALA A 78 17.92 -40.07 -5.12
C ALA A 78 16.77 -40.73 -4.39
N LYS A 79 17.07 -41.79 -3.59
CA LYS A 79 16.09 -42.55 -2.81
C LYS A 79 15.36 -41.66 -1.78
N ALA A 80 16.08 -40.75 -1.11
CA ALA A 80 15.49 -39.83 -0.14
C ALA A 80 14.51 -38.87 -0.81
N LEU A 81 14.93 -38.20 -1.91
CA LEU A 81 14.09 -37.28 -2.69
C LEU A 81 12.80 -37.97 -3.15
N SER A 82 12.91 -39.23 -3.60
CA SER A 82 11.79 -40.07 -4.05
C SER A 82 10.75 -40.20 -2.94
N GLU A 83 11.22 -40.47 -1.70
CA GLU A 83 10.40 -40.60 -0.50
C GLU A 83 9.78 -39.26 -0.06
N ILE A 84 10.48 -38.13 -0.32
CA ILE A 84 10.03 -36.79 0.06
C ILE A 84 8.96 -36.26 -0.95
N ILE A 85 9.33 -36.07 -2.23
CA ILE A 85 8.43 -35.51 -3.26
C ILE A 85 7.25 -36.49 -3.62
N ASN A 86 7.36 -37.79 -3.22
CA ASN A 86 6.41 -38.89 -3.43
C ASN A 86 6.22 -39.15 -4.94
N LYS A 87 7.32 -39.01 -5.69
CA LYS A 87 7.41 -39.24 -7.13
C LYS A 87 8.61 -40.15 -7.41
N PRO A 88 8.63 -40.98 -8.48
CA PRO A 88 9.83 -41.81 -8.73
C PRO A 88 11.01 -40.96 -9.24
N VAL A 89 12.22 -41.31 -8.82
CA VAL A 89 13.44 -40.60 -9.21
C VAL A 89 14.43 -41.65 -9.75
N LYS A 90 14.63 -41.67 -11.08
CA LYS A 90 15.57 -42.58 -11.75
C LYS A 90 17.01 -42.13 -11.48
N PHE A 91 17.90 -43.07 -11.16
CA PHE A 91 19.30 -42.71 -10.93
C PHE A 91 20.12 -43.04 -12.16
N ALA A 92 20.70 -42.00 -12.80
CA ALA A 92 21.52 -42.15 -13.99
C ALA A 92 23.00 -42.18 -13.64
N LYS A 93 23.52 -43.40 -13.61
CA LYS A 93 24.92 -43.74 -13.38
C LYS A 93 25.85 -43.26 -14.48
N ASP A 94 25.37 -43.34 -15.71
CA ASP A 94 26.19 -42.96 -16.86
C ASP A 94 25.35 -41.94 -17.59
N TRP A 95 25.18 -40.80 -16.92
CA TRP A 95 24.43 -39.66 -17.42
C TRP A 95 25.03 -38.94 -18.61
N LEU A 96 26.35 -38.82 -18.65
CA LEU A 96 26.99 -38.01 -19.69
C LEU A 96 26.73 -38.59 -21.10
N ASP A 97 26.53 -39.90 -21.18
CA ASP A 97 26.28 -40.60 -22.44
C ASP A 97 24.78 -40.52 -22.85
N GLY A 98 24.06 -39.57 -22.27
CA GLY A 98 22.65 -39.35 -22.55
C GLY A 98 21.73 -39.70 -21.41
N VAL A 99 20.65 -38.93 -21.27
CA VAL A 99 19.66 -39.11 -20.22
C VAL A 99 18.29 -39.30 -20.87
N ASP A 100 17.68 -40.48 -20.66
CA ASP A 100 16.36 -40.81 -21.19
C ASP A 100 15.31 -40.39 -20.15
N VAL A 101 14.73 -39.20 -20.35
CA VAL A 101 13.73 -38.62 -19.45
C VAL A 101 12.57 -38.02 -20.26
N LYS A 102 11.33 -38.22 -19.76
CA LYS A 102 10.10 -37.70 -20.36
C LYS A 102 9.57 -36.59 -19.45
N ALA A 103 8.64 -35.77 -19.97
CA ALA A 103 8.02 -34.69 -19.21
C ALA A 103 7.28 -35.26 -17.98
N GLY A 104 7.48 -34.63 -16.83
CA GLY A 104 6.88 -35.07 -15.58
C GLY A 104 7.71 -36.07 -14.79
N GLU A 105 8.88 -36.46 -15.32
CA GLU A 105 9.78 -37.41 -14.67
C GLU A 105 10.98 -36.71 -14.06
N ILE A 106 11.56 -37.30 -13.01
CA ILE A 106 12.75 -36.81 -12.31
C ILE A 106 13.88 -37.82 -12.48
N VAL A 107 15.07 -37.34 -12.84
CA VAL A 107 16.26 -38.19 -13.00
C VAL A 107 17.41 -37.50 -12.27
N CYS A 109 21.39 -37.44 -11.60
CA CYS A 109 22.68 -37.79 -12.20
C CYS A 109 23.65 -38.20 -11.10
N GLU A 110 24.68 -38.98 -11.45
CA GLU A 110 25.73 -39.32 -10.49
C GLU A 110 26.59 -38.05 -10.18
N ASN A 111 27.39 -38.11 -9.12
CA ASN A 111 28.11 -36.94 -8.64
C ASN A 111 28.95 -36.37 -9.76
N VAL A 112 28.85 -35.06 -9.97
CA VAL A 112 29.57 -34.40 -11.04
C VAL A 112 31.08 -34.42 -10.82
N ARG A 113 31.48 -34.19 -9.58
CA ARG A 113 32.89 -34.10 -9.23
C ARG A 113 33.68 -35.37 -9.59
N PHE A 114 33.00 -36.47 -9.99
CA PHE A 114 33.65 -37.71 -10.43
C PHE A 114 34.24 -37.53 -11.83
N ASN A 115 33.62 -36.69 -12.64
CA ASN A 115 34.07 -36.48 -14.00
C ASN A 115 35.33 -35.64 -14.12
N SER A 116 36.17 -35.97 -15.09
CA SER A 116 37.36 -35.17 -15.34
C SER A 116 36.95 -33.82 -15.89
N GLY A 117 37.64 -32.77 -15.45
CA GLY A 117 37.34 -31.43 -15.89
C GLY A 117 36.20 -30.68 -15.21
N GLU A 118 35.64 -31.25 -14.14
CA GLU A 118 34.56 -30.56 -13.44
C GLU A 118 35.07 -29.27 -12.76
N LYS A 119 36.08 -29.36 -11.85
CA LYS A 119 36.66 -28.22 -11.13
C LYS A 119 37.27 -27.18 -12.06
N LYS A 120 37.88 -27.62 -13.18
CA LYS A 120 38.53 -26.74 -14.15
C LYS A 120 37.52 -26.10 -15.11
N SER A 121 36.35 -26.74 -15.30
CA SER A 121 35.28 -26.31 -16.21
C SER A 121 35.81 -26.38 -17.67
N THR A 122 36.31 -27.59 -18.08
CA THR A 122 36.84 -27.84 -19.43
C THR A 122 35.71 -27.74 -20.46
N ASP A 123 36.03 -27.22 -21.65
CA ASP A 123 35.09 -27.07 -22.75
C ASP A 123 34.49 -28.41 -23.19
N ASP A 124 35.30 -29.48 -23.21
CA ASP A 124 34.87 -30.83 -23.60
C ASP A 124 33.73 -31.35 -22.72
N LEU A 125 33.89 -31.29 -21.38
CA LEU A 125 32.89 -31.74 -20.41
C LEU A 125 31.69 -30.80 -20.40
N SER A 126 31.93 -29.49 -20.47
CA SER A 126 30.88 -28.47 -20.48
C SER A 126 29.96 -28.62 -21.69
N LYS A 127 30.54 -28.92 -22.86
CA LYS A 127 29.80 -29.14 -24.10
C LYS A 127 28.94 -30.41 -23.99
N LYS A 128 29.50 -31.47 -23.37
CA LYS A 128 28.84 -32.76 -23.17
C LYS A 128 27.66 -32.62 -22.19
N ILE A 129 27.84 -31.91 -21.05
CA ILE A 129 26.74 -31.68 -20.11
C ILE A 129 25.63 -30.88 -20.82
N ALA A 130 26.00 -29.81 -21.54
CA ALA A 130 25.05 -28.96 -22.27
C ALA A 130 24.22 -29.75 -23.31
N SER A 131 24.81 -30.73 -24.01
CA SER A 131 24.10 -31.51 -25.04
C SER A 131 22.94 -32.36 -24.49
N LEU A 132 22.95 -32.65 -23.16
CA LEU A 132 21.94 -33.45 -22.48
C LEU A 132 20.57 -32.77 -22.34
N GLY A 133 20.53 -31.44 -22.38
CA GLY A 133 19.28 -30.71 -22.21
C GLY A 133 19.13 -29.46 -23.04
N ASP A 134 17.98 -28.79 -22.85
CA ASP A 134 17.60 -27.57 -23.58
C ASP A 134 17.69 -26.32 -22.69
N VAL A 135 17.50 -26.50 -21.36
CA VAL A 135 17.50 -25.44 -20.37
C VAL A 135 18.40 -25.81 -19.22
N PHE A 136 19.18 -24.84 -18.70
CA PHE A 136 20.00 -25.03 -17.52
C PHE A 136 19.51 -24.11 -16.40
N VAL A 137 19.27 -24.70 -15.22
CA VAL A 137 18.79 -23.99 -14.04
C VAL A 137 19.83 -24.12 -12.93
N ASP A 139 20.68 -23.54 -9.29
CA ASP A 139 19.96 -23.37 -8.02
C ASP A 139 20.86 -23.70 -6.80
N ALA A 140 22.21 -23.78 -7.00
CA ALA A 140 23.16 -24.08 -5.93
C ALA A 140 24.08 -22.90 -5.62
N PHE A 141 23.55 -21.89 -4.87
CA PHE A 141 24.32 -20.70 -4.45
C PHE A 141 25.64 -21.07 -3.75
N ALA A 142 25.65 -22.13 -2.94
CA ALA A 142 26.85 -22.53 -2.18
C ALA A 142 28.08 -22.82 -3.11
N THR A 143 27.87 -23.00 -4.44
CA THR A 143 28.99 -23.25 -5.37
C THR A 143 29.11 -22.17 -6.45
N ALA A 144 28.36 -21.06 -6.32
CA ALA A 144 28.33 -19.97 -7.32
C ALA A 144 29.66 -19.20 -7.44
N HIS A 145 30.52 -19.27 -6.41
CA HIS A 145 31.83 -18.59 -6.32
C HIS A 145 32.95 -19.39 -7.03
N ARG A 146 32.63 -20.59 -7.53
CA ARG A 146 33.55 -21.48 -8.23
C ARG A 146 33.05 -21.74 -9.67
N ALA A 147 33.93 -21.57 -10.67
CA ALA A 147 33.62 -21.81 -12.08
C ALA A 147 33.91 -23.26 -12.43
N GLN A 148 32.86 -24.09 -12.39
CA GLN A 148 32.94 -25.52 -12.64
C GLN A 148 32.04 -25.88 -13.82
N ALA A 149 32.31 -27.00 -14.51
CA ALA A 149 31.56 -27.42 -15.71
C ALA A 149 30.04 -27.50 -15.49
N SER A 150 29.57 -27.99 -14.33
CA SER A 150 28.13 -28.12 -14.05
C SER A 150 27.51 -26.84 -13.41
N THR A 151 28.37 -25.88 -13.08
CA THR A 151 27.96 -24.58 -12.58
C THR A 151 28.20 -23.46 -13.60
N TYR A 152 29.39 -23.46 -14.21
CA TYR A 152 29.77 -22.38 -15.12
C TYR A 152 29.77 -22.77 -16.59
N GLY A 153 30.45 -23.86 -16.91
CA GLY A 153 30.62 -24.28 -18.29
C GLY A 153 29.34 -24.63 -18.99
N VAL A 154 28.45 -25.33 -18.31
CA VAL A 154 27.20 -25.78 -18.92
C VAL A 154 26.43 -24.56 -19.48
N ALA A 155 26.38 -23.46 -18.69
CA ALA A 155 25.70 -22.21 -19.03
C ALA A 155 26.24 -21.60 -20.32
N LYS A 156 27.55 -21.74 -20.59
CA LYS A 156 28.19 -21.23 -21.79
C LYS A 156 27.68 -21.89 -23.08
N TYR A 157 27.29 -23.17 -23.01
CA TYR A 157 26.93 -23.89 -24.22
C TYR A 157 25.44 -24.26 -24.34
N ILE A 158 24.69 -24.21 -23.22
CA ILE A 158 23.25 -24.52 -23.20
C ILE A 158 22.47 -23.41 -23.98
N PRO A 159 21.37 -23.73 -24.72
CA PRO A 159 20.64 -22.66 -25.42
C PRO A 159 20.08 -21.59 -24.48
N VAL A 160 19.48 -22.03 -23.35
CA VAL A 160 18.88 -21.14 -22.35
C VAL A 160 19.42 -21.46 -20.96
N ALA A 161 19.86 -20.43 -20.22
CA ALA A 161 20.37 -20.54 -18.85
C ALA A 161 19.66 -19.53 -17.94
N CYS A 162 19.21 -19.99 -16.76
CA CYS A 162 18.50 -19.13 -15.80
C CYS A 162 18.84 -19.53 -14.37
N ALA A 163 18.19 -18.87 -13.41
CA ALA A 163 18.39 -19.12 -11.99
C ALA A 163 17.13 -19.68 -11.34
N GLY A 164 17.31 -20.71 -10.52
CA GLY A 164 16.24 -21.38 -9.80
C GLY A 164 15.70 -20.56 -8.65
N ILE A 165 14.61 -21.04 -8.01
CA ILE A 165 13.93 -20.34 -6.90
C ILE A 165 14.89 -20.07 -5.72
N LEU A 166 15.73 -21.05 -5.34
CA LEU A 166 16.67 -20.81 -4.22
C LEU A 166 17.73 -19.74 -4.56
N LEU A 167 18.45 -19.86 -5.70
CA LEU A 167 19.50 -18.88 -6.07
C LEU A 167 18.94 -17.47 -6.24
N THR A 168 17.74 -17.34 -6.84
CA THR A 168 17.02 -16.08 -7.03
C THR A 168 16.84 -15.41 -5.67
N ASN A 169 16.12 -16.08 -4.74
CA ASN A 169 15.81 -15.59 -3.39
C ASN A 169 17.07 -15.14 -2.63
N GLU A 170 18.17 -15.92 -2.71
CA GLU A 170 19.46 -15.64 -2.09
C GLU A 170 20.06 -14.35 -2.64
N ILE A 171 20.20 -14.25 -3.99
CA ILE A 171 20.74 -13.07 -4.66
C ILE A 171 19.83 -11.85 -4.37
N GLN A 172 18.49 -12.04 -4.39
CA GLN A 172 17.56 -10.94 -4.07
C GLN A 172 17.78 -10.42 -2.64
N ALA A 173 18.00 -11.32 -1.67
CA ALA A 173 18.21 -10.98 -0.26
C ALA A 173 19.56 -10.30 -0.06
N LEU A 174 20.67 -10.91 -0.56
CA LEU A 174 22.02 -10.34 -0.42
C LEU A 174 22.10 -8.95 -1.07
N GLU A 175 21.52 -8.78 -2.26
CA GLU A 175 21.51 -7.50 -2.96
C GLU A 175 20.65 -6.46 -2.22
N LYS A 176 19.56 -6.88 -1.54
CA LYS A 176 18.69 -5.99 -0.75
C LYS A 176 19.46 -5.44 0.47
N ALA A 177 20.51 -6.15 0.91
CA ALA A 177 21.37 -5.77 2.03
C ALA A 177 22.63 -5.02 1.56
N LEU A 178 23.29 -5.51 0.51
CA LEU A 178 24.57 -4.99 0.03
C LEU A 178 24.49 -3.97 -1.13
N LYS A 179 23.63 -4.19 -2.13
CA LYS A 179 23.54 -3.31 -3.30
C LYS A 179 22.61 -2.12 -3.08
N SER A 180 21.34 -2.39 -2.68
CA SER A 180 20.35 -1.32 -2.48
C SER A 180 19.77 -1.32 -1.04
N PRO A 181 20.59 -1.09 0.03
CA PRO A 181 20.01 -1.10 1.38
C PRO A 181 19.24 0.17 1.74
N LYS A 182 18.35 0.05 2.73
CA LYS A 182 17.61 1.17 3.28
C LYS A 182 18.46 1.66 4.46
N LYS A 183 18.98 2.89 4.36
CA LYS A 183 19.83 3.50 5.37
C LYS A 183 19.00 3.89 6.62
N PRO A 184 19.60 3.93 7.80
CA PRO A 184 20.97 3.48 8.04
C PRO A 184 21.12 1.97 8.00
N ALA A 186 23.58 -1.36 9.18
CA ALA A 186 24.62 -1.82 10.09
C ALA A 186 25.17 -3.18 9.70
N ALA A 187 26.48 -3.32 9.69
CA ALA A 187 27.11 -4.59 9.38
C ALA A 187 27.89 -5.08 10.57
N ILE A 188 27.74 -6.37 10.90
CA ILE A 188 28.47 -6.97 12.01
C ILE A 188 29.48 -7.93 11.41
N VAL A 189 30.78 -7.68 11.65
CA VAL A 189 31.82 -8.56 11.10
C VAL A 189 32.67 -9.10 12.26
N GLY A 190 32.38 -10.34 12.64
CA GLY A 190 33.09 -11.00 13.72
C GLY A 190 33.89 -12.16 13.21
N GLY A 191 34.93 -12.52 13.94
CA GLY A 191 35.80 -13.62 13.52
C GLY A 191 37.14 -13.58 14.24
N SER A 192 37.94 -14.61 14.01
CA SER A 192 39.23 -14.80 14.66
C SER A 192 40.30 -13.85 14.19
N LYS A 193 40.39 -13.63 12.87
CA LYS A 193 41.42 -12.79 12.27
C LYS A 193 40.83 -11.71 11.40
N VAL A 194 41.52 -10.56 11.36
CA VAL A 194 41.21 -9.42 10.51
C VAL A 194 41.60 -9.83 9.09
N SER A 195 42.83 -10.37 8.92
CA SER A 195 43.41 -10.82 7.66
C SER A 195 42.40 -11.61 6.80
N THR A 196 41.67 -12.54 7.42
CA THR A 196 40.68 -13.40 6.78
C THR A 196 39.43 -12.60 6.32
N LYS A 197 39.06 -11.53 7.05
CA LYS A 197 37.86 -10.75 6.70
C LYS A 197 38.21 -9.31 6.29
N LEU A 198 39.48 -9.08 5.87
CA LEU A 198 39.98 -7.78 5.47
C LEU A 198 39.29 -7.27 4.18
N SER A 199 39.07 -8.15 3.18
CA SER A 199 38.41 -7.76 1.93
C SER A 199 36.91 -7.44 2.19
N VAL A 200 36.30 -8.10 3.18
CA VAL A 200 34.91 -7.88 3.61
C VAL A 200 34.83 -6.47 4.21
N LEU A 201 35.66 -6.19 5.24
CA LEU A 201 35.74 -4.92 5.95
C LEU A 201 36.01 -3.75 4.99
N ASN A 202 36.94 -3.93 4.03
CA ASN A 202 37.27 -2.90 3.04
C ASN A 202 36.10 -2.61 2.12
N ASN A 203 35.31 -3.64 1.79
CA ASN A 203 34.17 -3.50 0.89
C ASN A 203 32.96 -2.90 1.59
N LEU A 204 32.78 -3.17 2.88
CA LEU A 204 31.63 -2.68 3.63
C LEU A 204 31.80 -1.24 4.11
N LEU A 205 33.05 -0.82 4.35
CA LEU A 205 33.42 0.50 4.86
C LEU A 205 32.75 1.65 4.08
N ASP A 206 32.64 1.54 2.75
CA ASP A 206 32.04 2.57 1.88
C ASP A 206 30.57 2.27 1.56
N LYS A 207 29.94 1.31 2.27
CA LYS A 207 28.56 0.88 2.00
C LYS A 207 27.64 0.96 3.21
N VAL A 208 28.24 0.92 4.39
CA VAL A 208 27.57 0.87 5.67
C VAL A 208 27.63 2.23 6.42
N GLU A 209 26.71 2.42 7.40
CA GLU A 209 26.65 3.58 8.28
C GLU A 209 27.25 3.22 9.64
N ILE A 210 27.05 1.96 10.06
CA ILE A 210 27.52 1.35 11.31
C ILE A 210 28.30 0.08 10.97
N LEU A 211 29.55 -0.02 11.43
CA LEU A 211 30.34 -1.22 11.23
C LEU A 211 30.77 -1.76 12.59
N ILE A 212 30.07 -2.81 13.04
CA ILE A 212 30.35 -3.46 14.32
C ILE A 212 31.37 -4.58 14.10
N VAL A 213 32.49 -4.56 14.81
CA VAL A 213 33.54 -5.59 14.73
C VAL A 213 33.40 -6.53 15.96
N GLY A 214 33.67 -7.81 15.76
CA GLY A 214 33.57 -8.77 16.84
C GLY A 214 34.68 -9.79 16.95
N GLY A 215 34.83 -10.35 18.16
CA GLY A 215 35.80 -11.40 18.46
C GLY A 215 37.23 -10.96 18.27
N GLY A 216 38.05 -11.84 17.69
CA GLY A 216 39.46 -11.57 17.41
C GLY A 216 39.67 -10.30 16.59
N ILE A 217 38.69 -9.97 15.68
CA ILE A 217 38.73 -8.79 14.83
C ILE A 217 38.66 -7.54 15.73
N ALA A 218 37.67 -7.48 16.64
CA ALA A 218 37.54 -6.38 17.59
C ALA A 218 38.78 -6.20 18.47
N ASN A 219 39.44 -7.31 18.90
CA ASN A 219 40.62 -7.22 19.77
C ASN A 219 41.79 -6.51 19.10
N THR A 220 42.01 -6.74 17.78
CA THR A 220 43.04 -6.08 16.97
C THR A 220 42.69 -4.55 16.86
N PHE A 221 41.37 -4.20 16.89
CA PHE A 221 40.89 -2.81 16.83
C PHE A 221 41.09 -2.09 18.18
N ILE A 222 41.06 -2.85 19.27
CA ILE A 222 41.28 -2.34 20.62
C ILE A 222 42.76 -1.97 20.77
N LYS A 223 43.64 -2.85 20.25
CA LYS A 223 45.08 -2.65 20.26
C LYS A 223 45.44 -1.48 19.32
N ALA A 224 44.64 -1.29 18.23
CA ALA A 224 44.78 -0.20 17.27
C ALA A 224 44.45 1.13 17.93
N GLU A 225 43.51 1.08 18.89
CA GLU A 225 43.07 2.22 19.70
C GLU A 225 44.05 2.43 20.88
N GLY A 226 45.11 1.62 20.93
CA GLY A 226 46.18 1.72 21.91
C GLY A 226 46.02 1.03 23.24
N PHE A 227 44.94 0.27 23.44
CA PHE A 227 44.77 -0.42 24.73
C PHE A 227 45.47 -1.77 24.70
N ASP A 228 46.06 -2.17 25.83
CA ASP A 228 46.73 -3.47 25.96
C ASP A 228 45.63 -4.54 25.97
N VAL A 229 45.76 -5.54 25.11
CA VAL A 229 44.81 -6.62 24.98
C VAL A 229 45.31 -7.89 25.73
N GLY A 230 46.46 -7.80 26.38
CA GLY A 230 47.04 -8.91 27.13
C GLY A 230 47.25 -10.15 26.27
N ASN A 231 46.74 -11.30 26.74
CA ASN A 231 46.87 -12.60 26.09
C ASN A 231 45.67 -12.93 25.20
N SER A 232 44.92 -11.89 24.76
CA SER A 232 43.75 -12.06 23.89
C SER A 232 44.17 -12.50 22.50
N LEU A 233 43.20 -13.04 21.72
CA LEU A 233 43.44 -13.39 20.33
C LEU A 233 43.35 -12.11 19.51
N TYR A 234 44.42 -11.78 18.78
CA TYR A 234 44.51 -10.59 17.93
C TYR A 234 45.70 -10.74 16.98
N GLU A 235 45.81 -9.84 15.97
CA GLU A 235 46.91 -9.87 14.99
C GLU A 235 47.73 -8.63 15.13
N GLN A 236 48.90 -8.74 15.77
CA GLN A 236 49.80 -7.60 15.96
C GLN A 236 50.26 -7.06 14.60
N ASP A 237 50.41 -7.96 13.61
CA ASP A 237 50.84 -7.60 12.25
C ASP A 237 49.72 -6.85 11.45
N LEU A 238 48.47 -6.91 11.94
CA LEU A 238 47.33 -6.25 11.31
C LEU A 238 46.83 -5.07 12.13
N VAL A 239 47.61 -4.64 13.12
CA VAL A 239 47.25 -3.51 13.99
C VAL A 239 47.31 -2.20 13.20
N ALA A 240 48.36 -2.01 12.37
CA ALA A 240 48.55 -0.82 11.55
C ALA A 240 47.44 -0.71 10.51
N GLU A 241 47.01 -1.85 9.95
CA GLU A 241 45.91 -1.91 8.98
C GLU A 241 44.57 -1.54 9.64
N ALA A 242 44.35 -2.01 10.88
CA ALA A 242 43.14 -1.72 11.64
C ALA A 242 43.02 -0.22 11.95
N THR A 243 44.17 0.47 12.24
CA THR A 243 44.28 1.90 12.54
C THR A 243 43.90 2.70 11.29
N GLU A 244 44.30 2.21 10.11
CA GLU A 244 43.98 2.81 8.82
C GLU A 244 42.48 2.64 8.57
N ILE A 245 41.91 1.43 8.85
CA ILE A 245 40.47 1.17 8.71
C ILE A 245 39.68 2.17 9.59
N LEU A 246 40.14 2.40 10.84
CA LEU A 246 39.51 3.31 11.79
C LEU A 246 39.60 4.76 11.31
N ALA A 247 40.71 5.11 10.63
CA ALA A 247 40.90 6.46 10.10
C ALA A 247 39.99 6.67 8.87
N LYS A 248 39.89 5.65 7.99
CA LYS A 248 39.05 5.69 6.79
C LYS A 248 37.58 5.84 7.20
N ALA A 249 37.17 5.08 8.23
CA ALA A 249 35.82 5.09 8.80
C ALA A 249 35.46 6.48 9.33
N LYS A 250 36.38 7.08 10.11
CA LYS A 250 36.27 8.43 10.68
C LYS A 250 35.98 9.46 9.58
N ALA A 251 36.78 9.43 8.49
CA ALA A 251 36.64 10.32 7.33
C ALA A 251 35.31 10.07 6.58
N LEU A 252 34.87 8.79 6.52
CA LEU A 252 33.63 8.39 5.85
C LEU A 252 32.38 8.67 6.70
N GLY A 253 32.56 8.84 8.01
CA GLY A 253 31.47 9.06 8.94
C GLY A 253 30.78 7.78 9.33
N VAL A 254 31.51 6.65 9.28
CA VAL A 254 31.07 5.31 9.66
C VAL A 254 31.34 5.13 11.15
N ASN A 255 30.41 4.50 11.89
CA ASN A 255 30.60 4.27 13.31
C ASN A 255 31.12 2.87 13.56
N ILE A 256 32.33 2.76 14.11
CA ILE A 256 32.93 1.50 14.53
C ILE A 256 32.89 1.51 16.08
N PRO A 257 31.86 0.91 16.71
CA PRO A 257 31.79 0.96 18.17
C PRO A 257 32.75 -0.03 18.82
N VAL A 258 34.06 0.35 18.85
CA VAL A 258 35.11 -0.47 19.47
C VAL A 258 34.74 -0.61 20.96
N PRO A 259 34.76 -1.85 21.51
CA PRO A 259 34.36 -2.04 22.92
C PRO A 259 34.98 -1.06 23.89
N VAL A 260 34.13 -0.51 24.79
CA VAL A 260 34.54 0.44 25.83
C VAL A 260 34.81 -0.36 27.14
N ASP A 261 34.20 -1.57 27.21
CA ASP A 261 34.35 -2.53 28.29
C ASP A 261 34.36 -3.95 27.70
N VAL A 262 34.95 -4.90 28.44
CA VAL A 262 35.14 -6.28 27.98
C VAL A 262 34.88 -7.28 29.11
N ARG A 263 34.78 -8.56 28.74
CA ARG A 263 34.66 -9.67 29.69
C ARG A 263 35.89 -10.55 29.47
N VAL A 264 36.85 -10.50 30.43
CA VAL A 264 38.10 -11.24 30.34
C VAL A 264 38.04 -12.57 31.11
N ALA A 265 39.04 -13.44 30.82
CA ALA A 265 39.25 -14.76 31.45
C ALA A 265 40.73 -15.01 31.64
N LYS A 266 41.09 -15.89 32.57
CA LYS A 266 42.49 -16.24 32.83
C LYS A 266 42.81 -17.65 32.31
N GLU A 267 41.79 -18.28 31.70
CA GLU A 267 41.78 -19.63 31.13
C GLU A 267 40.69 -19.70 30.06
N PHE A 268 41.00 -20.26 28.89
CA PHE A 268 40.04 -20.39 27.78
C PHE A 268 39.26 -21.69 27.96
N SER A 269 38.19 -21.61 28.73
CA SER A 269 37.36 -22.78 28.97
C SER A 269 35.95 -22.40 29.37
N GLU A 270 35.03 -23.38 29.28
CA GLU A 270 33.62 -23.25 29.66
C GLU A 270 33.46 -23.11 31.18
N ASN A 271 34.53 -23.42 31.95
CA ASN A 271 34.54 -23.37 33.41
C ASN A 271 35.02 -22.00 33.93
N ALA A 272 35.77 -21.25 33.10
CA ALA A 272 36.27 -19.91 33.42
C ALA A 272 35.15 -18.93 33.77
N GLN A 273 35.46 -17.98 34.62
CA GLN A 273 34.54 -16.95 35.05
C GLN A 273 34.90 -15.66 34.35
N ALA A 274 33.89 -14.91 33.93
CA ALA A 274 34.11 -13.64 33.25
C ALA A 274 34.36 -12.54 34.26
N ILE A 275 35.33 -11.67 33.96
CA ILE A 275 35.62 -10.51 34.76
C ILE A 275 35.34 -9.29 33.89
N ILE A 276 34.35 -8.46 34.29
CA ILE A 276 33.98 -7.24 33.57
C ILE A 276 35.01 -6.18 33.87
N LYS A 277 35.72 -5.73 32.85
CA LYS A 277 36.73 -4.69 32.97
C LYS A 277 36.52 -3.64 31.93
N LYS A 278 37.03 -2.43 32.18
CA LYS A 278 37.05 -1.36 31.20
C LYS A 278 38.12 -1.75 30.20
N VAL A 279 37.95 -1.39 28.94
CA VAL A 279 38.85 -1.79 27.85
C VAL A 279 40.35 -1.49 28.16
N SER A 280 40.61 -0.44 28.96
CA SER A 280 41.96 0.03 29.32
C SER A 280 42.58 -0.72 30.51
N ASP A 281 41.81 -1.59 31.19
CA ASP A 281 42.29 -2.29 32.37
C ASP A 281 42.58 -3.79 32.13
N VAL A 282 42.93 -4.19 30.88
CA VAL A 282 43.25 -5.59 30.57
C VAL A 282 44.73 -5.85 30.93
N VAL A 283 44.94 -6.91 31.72
CA VAL A 283 46.23 -7.35 32.23
C VAL A 283 46.88 -8.39 31.25
N ALA A 284 48.22 -8.48 31.26
CA ALA A 284 49.04 -9.37 30.40
C ALA A 284 48.60 -10.85 30.44
N ASP A 285 48.05 -11.27 31.58
CA ASP A 285 47.56 -12.62 31.89
C ASP A 285 46.18 -12.97 31.25
N GLU A 286 45.34 -11.96 31.08
CA GLU A 286 43.93 -12.04 30.69
C GLU A 286 43.65 -12.15 29.18
N ILE A 288 40.48 -11.35 26.33
CA ILE A 288 39.15 -10.79 26.02
C ILE A 288 38.37 -11.89 25.28
N LEU A 289 37.29 -12.39 25.89
CA LEU A 289 36.48 -13.46 25.30
C LEU A 289 35.08 -12.98 24.95
N ASP A 290 34.71 -11.81 25.42
CA ASP A 290 33.43 -11.19 25.16
C ASP A 290 33.51 -9.69 25.41
N ILE A 291 32.56 -8.95 24.87
CA ILE A 291 32.42 -7.52 25.12
C ILE A 291 31.74 -7.38 26.52
N GLY A 292 31.77 -6.19 27.06
CA GLY A 292 31.19 -5.93 28.37
C GLY A 292 29.81 -5.35 28.27
N PRO A 293 29.13 -5.16 29.42
CA PRO A 293 27.75 -4.64 29.43
C PRO A 293 27.52 -3.27 28.78
N GLU A 294 28.46 -2.33 28.91
CA GLU A 294 28.30 -1.00 28.31
C GLU A 294 28.37 -1.09 26.78
N SER A 295 29.24 -1.97 26.25
CA SER A 295 29.40 -2.25 24.82
C SER A 295 28.08 -2.89 24.24
N GLN A 296 27.49 -3.83 25.02
CA GLN A 296 26.21 -4.48 24.73
C GLN A 296 25.10 -3.46 24.46
N LYS A 297 25.01 -2.46 25.36
CA LYS A 297 23.96 -1.47 25.27
C LYS A 297 24.19 -0.52 24.09
N ILE A 298 25.46 -0.18 23.79
CA ILE A 298 25.82 0.69 22.66
C ILE A 298 25.42 0.01 21.33
N ILE A 299 25.76 -1.27 21.19
CA ILE A 299 25.44 -2.04 19.99
C ILE A 299 23.92 -2.14 19.82
N ALA A 300 23.18 -2.40 20.93
CA ALA A 300 21.72 -2.50 20.92
C ALA A 300 21.07 -1.24 20.42
N GLU A 301 21.50 -0.09 20.96
CA GLU A 301 20.96 1.24 20.65
C GLU A 301 21.24 1.60 19.18
N LEU A 302 22.40 1.19 18.64
CA LEU A 302 22.77 1.45 17.25
C LEU A 302 21.92 0.60 16.31
N LEU A 303 21.82 -0.71 16.60
CA LEU A 303 21.06 -1.67 15.79
C LEU A 303 19.58 -1.33 15.79
N LYS A 304 19.11 -0.65 16.86
CA LYS A 304 17.72 -0.21 17.02
C LYS A 304 17.36 0.80 15.92
N SER A 305 18.29 1.70 15.57
CA SER A 305 18.14 2.75 14.57
C SER A 305 18.25 2.25 13.11
N ALA A 306 18.97 1.13 12.89
CA ALA A 306 19.23 0.53 11.57
C ALA A 306 17.95 0.06 10.88
N ASN A 307 17.92 0.21 9.53
CA ASN A 307 16.85 -0.24 8.65
C ASN A 307 17.28 -1.48 7.86
N THR A 308 18.58 -1.74 7.81
CA THR A 308 19.19 -2.90 7.16
C THR A 308 20.31 -3.43 8.04
N ILE A 309 20.32 -4.74 8.25
CA ILE A 309 21.34 -5.38 9.06
C ILE A 309 21.97 -6.54 8.27
N LEU A 310 23.29 -6.52 8.16
CA LEU A 310 24.10 -7.57 7.56
C LEU A 310 24.88 -8.19 8.70
N TRP A 311 24.62 -9.46 9.01
CA TRP A 311 25.25 -10.13 10.14
C TRP A 311 26.19 -11.26 9.69
N ASN A 312 27.49 -11.07 10.00
CA ASN A 312 28.54 -12.02 9.69
C ASN A 312 29.48 -12.19 10.89
N GLY A 313 29.02 -12.92 11.92
CA GLY A 313 29.85 -13.20 13.09
C GLY A 313 29.40 -12.71 14.45
N PRO A 314 29.89 -13.39 15.53
CA PRO A 314 29.55 -12.97 16.90
C PRO A 314 30.47 -11.84 17.43
N VAL A 315 30.22 -11.41 18.68
CA VAL A 315 31.03 -10.36 19.33
C VAL A 315 31.79 -10.95 20.53
N GLY A 316 31.67 -12.26 20.71
CA GLY A 316 32.33 -13.00 21.79
C GLY A 316 32.29 -14.51 21.61
N VAL A 317 32.88 -15.25 22.57
CA VAL A 317 32.92 -16.72 22.50
C VAL A 317 31.63 -17.23 23.15
N PHE A 318 30.51 -17.07 22.40
CA PHE A 318 29.15 -17.37 22.85
C PHE A 318 28.91 -18.85 23.17
N GLU A 319 29.78 -19.76 22.69
CA GLU A 319 29.71 -21.19 23.01
C GLU A 319 29.90 -21.40 24.53
N PHE A 320 30.62 -20.46 25.21
CA PHE A 320 30.85 -20.42 26.66
C PHE A 320 29.81 -19.46 27.24
N ASP A 321 28.86 -19.98 28.01
CA ASP A 321 27.74 -19.21 28.60
C ASP A 321 28.18 -17.92 29.34
N ASN A 322 29.35 -17.94 30.01
CA ASN A 322 29.85 -16.79 30.76
C ASN A 322 30.39 -15.70 29.82
N PHE A 323 30.48 -15.99 28.51
CA PHE A 323 30.97 -15.11 27.46
C PHE A 323 29.98 -15.07 26.29
N ALA A 324 28.69 -15.33 26.57
CA ALA A 324 27.62 -15.37 25.57
C ALA A 324 26.71 -14.14 25.64
N GLU A 325 26.79 -13.35 26.75
CA GLU A 325 25.92 -12.19 26.97
C GLU A 325 26.02 -11.12 25.85
N GLY A 326 27.23 -10.84 25.37
CA GLY A 326 27.41 -9.89 24.27
C GLY A 326 26.70 -10.33 23.00
N THR A 327 26.87 -11.60 22.58
CA THR A 327 26.24 -12.11 21.36
C THR A 327 24.74 -12.31 21.58
N LYS A 328 24.31 -12.61 22.83
CA LYS A 328 22.90 -12.79 23.17
C LYS A 328 22.18 -11.47 22.99
N ALA A 329 22.78 -10.36 23.48
CA ALA A 329 22.19 -9.03 23.37
C ALA A 329 22.17 -8.57 21.93
N LEU A 330 23.21 -8.91 21.15
CA LEU A 330 23.27 -8.60 19.71
C LEU A 330 22.11 -9.32 19.00
N SER A 331 22.04 -10.64 19.20
CA SER A 331 20.99 -11.51 18.66
C SER A 331 19.56 -11.01 18.99
N LEU A 332 19.31 -10.57 20.24
CA LEU A 332 17.97 -10.12 20.63
C LEU A 332 17.63 -8.76 20.01
N ALA A 333 18.65 -7.87 19.83
CA ALA A 333 18.48 -6.54 19.22
C ALA A 333 18.11 -6.70 17.76
N ILE A 334 18.75 -7.66 17.07
CA ILE A 334 18.45 -8.01 15.66
C ILE A 334 17.05 -8.63 15.59
N ALA A 335 16.75 -9.57 16.49
CA ALA A 335 15.45 -10.22 16.56
C ALA A 335 14.30 -9.22 16.74
N GLN A 336 14.45 -8.24 17.66
CA GLN A 336 13.43 -7.24 17.99
C GLN A 336 13.27 -6.17 16.90
N SER A 337 14.31 -5.97 16.08
CA SER A 337 14.37 -5.01 15.00
C SER A 337 13.40 -5.33 13.90
N HIS A 338 12.89 -4.31 13.20
CA HIS A 338 12.01 -4.50 12.06
C HIS A 338 12.82 -4.28 10.79
N ALA A 339 14.14 -4.17 10.94
CA ALA A 339 15.07 -4.01 9.84
C ALA A 339 15.14 -5.30 9.03
N PHE A 340 15.46 -5.17 7.75
CA PHE A 340 15.69 -6.32 6.91
C PHE A 340 17.07 -6.84 7.31
N SER A 341 17.09 -8.04 7.89
CA SER A 341 18.32 -8.63 8.40
C SER A 341 18.76 -9.84 7.56
N VAL A 342 20.05 -9.84 7.18
CA VAL A 342 20.66 -10.92 6.42
C VAL A 342 21.84 -11.44 7.21
N ALA A 343 21.78 -12.73 7.55
CA ALA A 343 22.83 -13.41 8.32
C ALA A 343 23.46 -14.52 7.50
N GLY A 344 24.73 -14.74 7.73
CA GLY A 344 25.52 -15.77 7.08
C GLY A 344 26.77 -16.06 7.89
N GLY A 345 27.24 -17.29 7.80
CA GLY A 345 28.40 -17.79 8.52
C GLY A 345 28.01 -18.88 9.50
N GLY A 346 28.84 -19.92 9.60
CA GLY A 346 28.63 -21.05 10.49
C GLY A 346 28.42 -20.64 11.93
N ASP A 347 29.27 -19.72 12.45
CA ASP A 347 29.22 -19.17 13.81
C ASP A 347 27.94 -18.33 14.03
N THR A 348 27.54 -17.55 13.01
CA THR A 348 26.37 -16.70 13.03
C THR A 348 25.11 -17.56 13.15
N ILE A 349 25.02 -18.63 12.32
CA ILE A 349 23.90 -19.55 12.32
C ILE A 349 23.86 -20.29 13.69
N ALA A 350 25.03 -20.69 14.23
CA ALA A 350 25.16 -21.35 15.56
C ALA A 350 24.64 -20.42 16.66
N ALA A 351 24.86 -19.08 16.51
CA ALA A 351 24.38 -18.06 17.45
C ALA A 351 22.85 -17.92 17.35
N ILE A 352 22.32 -17.83 16.11
CA ILE A 352 20.87 -17.75 15.84
C ILE A 352 20.16 -18.97 16.47
N GLU A 353 20.71 -20.19 16.28
CA GLU A 353 20.20 -21.43 16.83
C GLU A 353 20.21 -21.41 18.36
N LYS A 354 21.34 -21.01 18.98
CA LYS A 354 21.49 -20.98 20.42
C LYS A 354 20.49 -20.02 21.06
N PHE A 355 20.37 -18.81 20.50
CA PHE A 355 19.50 -17.77 21.06
C PHE A 355 18.04 -17.84 20.58
N GLY A 356 17.73 -18.81 19.70
CA GLY A 356 16.39 -19.09 19.20
C GLY A 356 15.69 -17.96 18.48
N ILE A 357 16.43 -17.23 17.64
CA ILE A 357 15.90 -16.09 16.90
C ILE A 357 15.77 -16.39 15.38
N LYS A 358 15.90 -17.66 14.95
CA LYS A 358 15.81 -18.07 13.54
C LYS A 358 14.61 -17.41 12.82
N ASP A 359 13.41 -17.48 13.41
CA ASP A 359 12.21 -16.90 12.79
C ASP A 359 12.18 -15.37 12.80
N GLN A 360 13.19 -14.73 13.40
CA GLN A 360 13.25 -13.26 13.52
C GLN A 360 14.41 -12.67 12.72
N VAL A 361 15.07 -13.45 11.90
CA VAL A 361 16.11 -12.99 10.97
C VAL A 361 15.45 -13.02 9.60
N SER A 362 15.51 -11.94 8.82
CA SER A 362 14.79 -11.91 7.53
C SER A 362 15.26 -12.99 6.58
N TYR A 363 16.57 -13.13 6.40
CA TYR A 363 17.12 -14.15 5.53
C TYR A 363 18.41 -14.76 6.12
N ILE A 364 18.47 -16.08 6.18
CA ILE A 364 19.63 -16.79 6.69
C ILE A 364 20.30 -17.58 5.55
N SER A 365 21.53 -17.20 5.21
CA SER A 365 22.31 -17.85 4.17
C SER A 365 22.96 -19.11 4.73
N THR A 366 22.87 -20.20 3.99
CA THR A 366 23.47 -21.49 4.40
C THR A 366 24.82 -21.68 3.68
N ALA A 367 25.25 -20.70 2.86
CA ALA A 367 26.50 -20.76 2.12
C ALA A 367 27.67 -20.24 2.96
N GLY A 368 28.85 -20.80 2.72
CA GLY A 368 30.05 -20.43 3.44
C GLY A 368 30.88 -19.42 2.68
N GLY A 369 31.71 -19.96 1.78
CA GLY A 369 32.63 -19.20 0.92
C GLY A 369 31.97 -18.30 -0.09
N ALA A 370 30.78 -18.70 -0.59
CA ALA A 370 30.02 -17.91 -1.57
C ALA A 370 29.43 -16.64 -0.92
N PHE A 371 28.84 -16.76 0.29
CA PHE A 371 28.31 -15.64 1.05
C PHE A 371 29.43 -14.60 1.34
N LEU A 372 30.61 -15.10 1.76
CA LEU A 372 31.78 -14.30 2.10
C LEU A 372 32.38 -13.59 0.90
N GLU A 373 32.51 -14.30 -0.25
CA GLU A 373 33.03 -13.73 -1.51
C GLU A 373 32.06 -12.71 -2.06
N PHE A 374 30.75 -12.87 -1.81
CA PHE A 374 29.74 -11.88 -2.21
C PHE A 374 29.92 -10.62 -1.34
N LEU A 375 30.14 -10.82 -0.04
CA LEU A 375 30.35 -9.76 0.94
C LEU A 375 31.68 -9.03 0.71
N GLU A 376 32.67 -9.71 0.10
CA GLU A 376 33.95 -9.09 -0.27
C GLU A 376 33.78 -8.17 -1.48
N GLY A 377 32.63 -8.29 -2.17
CA GLY A 377 32.31 -7.53 -3.35
C GLY A 377 32.81 -8.20 -4.62
N LYS A 378 33.24 -9.48 -4.51
CA LYS A 378 33.75 -10.27 -5.62
C LYS A 378 32.61 -10.69 -6.55
N LYS A 379 32.90 -10.83 -7.84
CA LYS A 379 31.88 -11.24 -8.81
C LYS A 379 31.88 -12.76 -8.92
N LEU A 380 30.76 -13.41 -8.53
CA LEU A 380 30.64 -14.87 -8.52
C LEU A 380 30.46 -15.38 -9.95
N PRO A 381 31.38 -16.25 -10.43
CA PRO A 381 31.35 -16.72 -11.83
C PRO A 381 30.01 -17.31 -12.30
N ALA A 382 29.34 -18.13 -11.46
CA ALA A 382 28.05 -18.72 -11.84
C ALA A 382 26.95 -17.67 -12.01
N ILE A 383 26.96 -16.57 -11.22
CA ILE A 383 25.97 -15.51 -11.37
C ILE A 383 26.28 -14.71 -12.63
N GLU A 384 27.56 -14.39 -12.84
CA GLU A 384 28.07 -13.62 -13.98
C GLU A 384 27.72 -14.27 -15.33
N ILE A 385 27.95 -15.58 -15.53
CA ILE A 385 27.63 -16.29 -16.79
C ILE A 385 26.10 -16.28 -17.05
N LEU A 386 25.28 -16.28 -15.97
CA LEU A 386 23.81 -16.21 -16.00
C LEU A 386 23.33 -14.84 -16.49
N LYS A 387 24.12 -13.79 -16.21
CA LYS A 387 23.87 -12.41 -16.62
C LYS A 387 24.25 -12.23 -18.10
N GLU A 388 25.40 -12.82 -18.52
CA GLU A 388 25.90 -12.77 -19.90
C GLU A 388 24.95 -13.50 -20.84
N LYS A 389 24.32 -14.59 -20.35
CA LYS A 389 23.36 -15.38 -21.10
C LYS A 389 21.98 -14.71 -21.14
N ALA A 390 21.72 -13.73 -20.25
CA ALA A 390 20.47 -12.98 -20.23
C ALA A 390 20.44 -11.91 -21.33
N ILE A 391 21.64 -11.43 -21.75
CA ILE A 391 21.83 -10.42 -22.81
C ILE A 391 21.70 -11.10 -24.18
N SER B 2 -14.60 36.15 -1.44
CA SER B 2 -15.78 37.00 -1.51
C SER B 2 -16.55 37.00 -0.19
N PHE B 3 -16.34 35.97 0.61
CA PHE B 3 -16.92 35.89 1.92
C PHE B 3 -15.80 35.51 2.87
N LEU B 4 -16.01 35.73 4.16
CA LEU B 4 -15.01 35.41 5.13
C LEU B 4 -15.02 33.97 5.45
N THR B 5 -13.91 33.47 5.91
CA THR B 5 -13.76 32.08 6.33
C THR B 5 -13.33 32.06 7.81
N LEU B 6 -13.37 30.87 8.47
CA LEU B 6 -12.93 30.67 9.86
C LEU B 6 -11.51 31.19 10.08
N LYS B 7 -10.63 30.96 9.10
CA LYS B 7 -9.22 31.31 9.15
C LYS B 7 -8.98 32.82 9.17
N ASP B 8 -10.00 33.65 8.84
CA ASP B 8 -9.77 35.08 8.84
C ASP B 8 -10.74 35.87 9.73
N VAL B 9 -11.16 35.27 10.86
CA VAL B 9 -11.97 35.95 11.88
C VAL B 9 -11.31 35.74 13.27
N ASP B 10 -11.47 36.75 14.18
CA ASP B 10 -10.96 36.70 15.56
C ASP B 10 -11.94 35.82 16.36
N LEU B 11 -11.47 34.63 16.76
CA LEU B 11 -12.29 33.63 17.46
C LEU B 11 -11.94 33.49 18.94
N LYS B 12 -10.79 34.05 19.38
CA LYS B 12 -10.30 33.94 20.76
C LYS B 12 -11.28 34.54 21.78
N ASP B 13 -11.68 33.70 22.77
CA ASP B 13 -12.57 34.08 23.89
C ASP B 13 -13.89 34.68 23.34
N LYS B 14 -14.41 34.05 22.29
CA LYS B 14 -15.64 34.45 21.61
C LYS B 14 -16.67 33.35 21.69
N LYS B 15 -17.95 33.75 21.81
CA LYS B 15 -19.09 32.85 21.75
C LYS B 15 -19.41 32.71 20.27
N VAL B 16 -19.02 31.57 19.70
CA VAL B 16 -19.12 31.32 18.27
C VAL B 16 -20.29 30.40 17.98
N LEU B 17 -21.32 30.94 17.30
CA LEU B 17 -22.52 30.21 16.85
C LEU B 17 -22.20 29.52 15.55
N VAL B 18 -22.33 28.19 15.52
CA VAL B 18 -22.07 27.41 14.33
C VAL B 18 -23.35 26.74 13.84
N ARG B 19 -23.70 26.99 12.57
CA ARG B 19 -24.82 26.34 11.92
C ARG B 19 -24.29 25.12 11.17
N VAL B 20 -24.59 23.92 11.67
CA VAL B 20 -24.16 22.64 11.09
C VAL B 20 -25.34 21.84 10.50
N ASP B 21 -25.04 20.86 9.63
CA ASP B 21 -26.05 19.94 9.08
C ASP B 21 -26.02 18.65 9.90
N PHE B 22 -26.86 18.57 10.93
CA PHE B 22 -26.94 17.37 11.76
C PHE B 22 -28.33 16.77 11.58
N ASN B 23 -28.89 16.87 10.33
CA ASN B 23 -30.19 16.27 9.98
C ASN B 23 -29.94 14.78 9.72
N VAL B 24 -29.49 14.08 10.78
CA VAL B 24 -29.13 12.67 10.76
C VAL B 24 -30.35 11.76 11.02
N PRO B 25 -30.42 10.59 10.35
CA PRO B 25 -31.54 9.66 10.61
C PRO B 25 -31.53 9.09 12.04
N VAL B 26 -32.72 9.04 12.69
CA VAL B 26 -32.93 8.55 14.05
C VAL B 26 -34.13 7.55 14.04
N LYS B 27 -33.91 6.29 14.51
CA LYS B 27 -34.92 5.21 14.51
C LYS B 27 -35.86 5.35 15.73
N ASP B 28 -35.29 5.24 16.95
CA ASP B 28 -35.96 5.46 18.23
C ASP B 28 -35.37 6.71 18.90
N GLY B 29 -34.29 6.51 19.64
CA GLY B 29 -33.41 7.54 20.18
C GLY B 29 -32.02 7.21 19.68
N LYS B 30 -31.98 6.37 18.64
CA LYS B 30 -30.82 5.82 17.96
C LYS B 30 -30.46 6.61 16.70
N VAL B 31 -29.25 7.18 16.62
CA VAL B 31 -28.74 7.84 15.42
C VAL B 31 -28.25 6.70 14.48
N THR B 32 -28.78 6.64 13.25
CA THR B 32 -28.53 5.61 12.22
C THR B 32 -27.25 5.92 11.38
N SER B 33 -26.73 7.17 11.41
CA SER B 33 -25.58 7.57 10.61
C SER B 33 -24.71 8.61 11.35
N LYS B 34 -23.37 8.54 11.19
CA LYS B 34 -22.42 9.44 11.84
C LYS B 34 -21.71 10.39 10.85
N VAL B 35 -21.90 10.17 9.52
CA VAL B 35 -21.24 10.87 8.41
C VAL B 35 -21.31 12.42 8.54
N ARG B 36 -22.51 12.97 8.78
CA ARG B 36 -22.73 14.41 8.95
C ARG B 36 -22.06 14.97 10.20
N ILE B 37 -22.05 14.19 11.30
CA ILE B 37 -21.41 14.61 12.54
C ILE B 37 -19.90 14.61 12.33
N GLU B 38 -19.35 13.50 11.78
CA GLU B 38 -17.92 13.36 11.48
C GLU B 38 -17.42 14.46 10.52
N ALA B 39 -18.32 14.94 9.66
CA ALA B 39 -17.99 15.97 8.68
C ALA B 39 -17.75 17.33 9.34
N ALA B 40 -18.56 17.69 10.35
CA ALA B 40 -18.42 18.98 11.07
C ALA B 40 -17.21 19.07 12.03
N ILE B 41 -16.65 17.92 12.46
CA ILE B 41 -15.53 17.86 13.42
C ILE B 41 -14.38 18.86 13.08
N PRO B 42 -13.83 18.93 11.82
CA PRO B 42 -12.71 19.88 11.55
C PRO B 42 -13.04 21.35 11.85
N THR B 43 -14.29 21.78 11.61
CA THR B 43 -14.75 23.15 11.89
C THR B 43 -14.75 23.39 13.40
N ILE B 44 -15.39 22.48 14.18
CA ILE B 44 -15.50 22.54 15.64
C ILE B 44 -14.10 22.57 16.27
N GLN B 45 -13.19 21.65 15.87
CA GLN B 45 -11.85 21.59 16.40
C GLN B 45 -11.07 22.89 16.13
N TYR B 46 -11.27 23.52 14.94
CA TYR B 46 -10.59 24.79 14.60
C TYR B 46 -10.95 25.88 15.59
N ILE B 47 -12.27 26.08 15.84
CA ILE B 47 -12.74 27.10 16.76
C ILE B 47 -12.18 26.84 18.14
N LEU B 48 -12.27 25.58 18.64
CA LEU B 48 -11.76 25.18 19.97
C LEU B 48 -10.28 25.49 20.10
N ASP B 49 -9.47 25.17 19.07
CA ASP B 49 -8.01 25.40 19.04
C ASP B 49 -7.68 26.90 18.98
N GLN B 50 -8.58 27.73 18.43
CA GLN B 50 -8.37 29.18 18.36
C GLN B 50 -8.79 29.87 19.67
N GLY B 51 -9.38 29.11 20.60
CA GLY B 51 -9.77 29.60 21.91
C GLY B 51 -11.18 30.14 22.03
N GLY B 52 -12.06 29.67 21.15
CA GLY B 52 -13.45 30.08 21.18
C GLY B 52 -14.36 29.11 21.91
N ALA B 53 -15.62 29.50 22.06
CA ALA B 53 -16.69 28.71 22.67
C ALA B 53 -17.66 28.32 21.56
N VAL B 54 -17.89 27.02 21.40
CA VAL B 54 -18.72 26.46 20.34
C VAL B 54 -20.19 26.28 20.76
N ILE B 55 -21.12 26.96 20.05
CA ILE B 55 -22.58 26.89 20.21
C ILE B 55 -23.13 26.30 18.92
N LEU B 56 -23.49 25.01 18.93
CA LEU B 56 -23.93 24.34 17.72
C LEU B 56 -25.41 24.44 17.52
N SER B 58 -28.63 23.29 14.65
CA SER B 58 -29.01 22.38 13.58
C SER B 58 -30.52 22.17 13.53
N HIS B 59 -30.98 21.71 12.36
CA HIS B 59 -32.36 21.31 12.10
C HIS B 59 -32.37 19.79 12.06
N LEU B 60 -33.54 19.20 12.29
CA LEU B 60 -33.76 17.74 12.22
C LEU B 60 -35.18 17.54 11.69
N GLY B 61 -35.29 17.00 10.48
CA GLY B 61 -36.59 16.79 9.84
C GLY B 61 -37.38 18.08 9.65
N ARG B 62 -38.72 17.97 9.52
CA ARG B 62 -39.58 19.14 9.32
C ARG B 62 -40.68 19.17 10.41
N PRO B 63 -40.30 19.54 11.65
CA PRO B 63 -41.31 19.61 12.72
C PRO B 63 -42.20 20.84 12.55
N THR B 64 -43.23 20.96 13.39
CA THR B 64 -44.12 22.10 13.33
C THR B 64 -43.58 23.16 14.29
N GLU B 65 -43.47 24.41 13.81
CA GLU B 65 -42.99 25.55 14.59
C GLU B 65 -43.99 25.81 15.73
N GLY B 66 -43.48 25.79 16.96
CA GLY B 66 -44.25 25.98 18.17
C GLY B 66 -44.70 24.70 18.83
N GLU B 67 -44.28 23.55 18.26
CA GLU B 67 -44.62 22.22 18.76
C GLU B 67 -43.36 21.38 18.98
N TYR B 68 -42.95 21.19 20.25
CA TYR B 68 -41.76 20.42 20.61
C TYR B 68 -42.08 18.93 20.58
N ASP B 69 -41.58 18.22 19.55
CA ASP B 69 -41.82 16.80 19.33
C ASP B 69 -40.50 16.04 19.50
N SER B 70 -40.45 15.16 20.50
CA SER B 70 -39.33 14.30 20.92
C SER B 70 -38.60 13.61 19.74
N GLN B 71 -39.35 13.13 18.74
CA GLN B 71 -38.78 12.44 17.57
C GLN B 71 -38.00 13.41 16.65
N PHE B 72 -38.03 14.72 16.94
CA PHE B 72 -37.30 15.72 16.19
C PHE B 72 -36.20 16.35 17.05
N SER B 73 -36.07 15.91 18.34
CA SER B 73 -35.05 16.43 19.24
C SER B 73 -33.65 16.00 18.81
N LEU B 74 -32.67 16.90 19.03
CA LEU B 74 -31.25 16.69 18.72
C LEU B 74 -30.48 16.13 19.91
N GLU B 75 -31.17 15.63 20.95
CA GLU B 75 -30.47 15.04 22.10
C GLU B 75 -29.67 13.77 21.68
N PRO B 76 -30.18 12.84 20.81
CA PRO B 76 -29.36 11.70 20.39
C PRO B 76 -28.14 12.11 19.54
N VAL B 77 -28.23 13.26 18.87
CA VAL B 77 -27.15 13.80 18.04
C VAL B 77 -26.06 14.37 18.96
N ALA B 78 -26.48 15.07 20.05
CA ALA B 78 -25.55 15.61 21.04
C ALA B 78 -24.71 14.48 21.64
N LYS B 79 -25.38 13.38 22.07
CA LYS B 79 -24.77 12.18 22.68
C LYS B 79 -23.79 11.51 21.71
N ALA B 80 -24.16 11.40 20.41
CA ALA B 80 -23.31 10.81 19.39
C ALA B 80 -22.03 11.63 19.18
N LEU B 81 -22.16 12.97 18.98
CA LEU B 81 -21.03 13.89 18.81
C LEU B 81 -20.05 13.80 19.99
N SER B 82 -20.60 13.70 21.22
CA SER B 82 -19.83 13.57 22.47
C SER B 82 -18.93 12.33 22.39
N GLU B 83 -19.49 11.20 21.92
CA GLU B 83 -18.80 9.92 21.75
C GLU B 83 -17.75 9.98 20.63
N ILE B 84 -18.00 10.80 19.58
CA ILE B 84 -17.12 10.95 18.42
C ILE B 84 -15.91 11.86 18.75
N ILE B 85 -16.15 13.16 19.05
CA ILE B 85 -15.09 14.14 19.33
C ILE B 85 -14.32 13.84 20.66
N ASN B 86 -14.91 12.98 21.53
CA ASN B 86 -14.38 12.55 22.84
C ASN B 86 -14.26 13.76 23.80
N LYS B 87 -15.22 14.67 23.69
CA LYS B 87 -15.35 15.88 24.50
C LYS B 87 -16.79 15.97 25.02
N PRO B 88 -17.08 16.62 26.17
CA PRO B 88 -18.48 16.74 26.61
C PRO B 88 -19.25 17.75 25.75
N VAL B 89 -20.53 17.43 25.48
CA VAL B 89 -21.41 18.28 24.68
C VAL B 89 -22.68 18.51 25.50
N LYS B 90 -22.83 19.70 26.11
CA LYS B 90 -24.04 20.00 26.89
C LYS B 90 -25.21 20.28 25.93
N PHE B 91 -26.40 19.79 26.28
CA PHE B 91 -27.59 19.99 25.45
C PHE B 91 -28.44 21.10 26.02
N ALA B 92 -28.57 22.20 25.27
CA ALA B 92 -29.35 23.37 25.67
C ALA B 92 -30.75 23.32 25.05
N LYS B 93 -31.70 22.88 25.86
CA LYS B 93 -33.10 22.78 25.50
C LYS B 93 -33.73 24.12 25.26
N ASP B 94 -33.32 25.11 26.04
CA ASP B 94 -33.87 26.43 25.90
C ASP B 94 -32.74 27.41 25.75
N TRP B 95 -32.09 27.31 24.60
CA TRP B 95 -31.00 28.20 24.24
C TRP B 95 -31.38 29.65 24.00
N LEU B 96 -32.54 29.90 23.40
CA LEU B 96 -32.81 31.27 22.95
C LEU B 96 -32.73 32.27 24.11
N ASP B 97 -33.01 31.80 25.33
CA ASP B 97 -32.97 32.62 26.54
C ASP B 97 -31.53 32.72 27.11
N GLY B 98 -30.53 32.43 26.27
CA GLY B 98 -29.12 32.50 26.63
C GLY B 98 -28.44 31.16 26.72
N VAL B 99 -27.15 31.14 26.34
CA VAL B 99 -26.33 29.93 26.38
C VAL B 99 -25.11 30.22 27.26
N ASP B 100 -24.97 29.49 28.37
CA ASP B 100 -23.84 29.63 29.29
C ASP B 100 -22.72 28.66 28.83
N VAL B 101 -21.74 29.21 28.09
CA VAL B 101 -20.62 28.44 27.53
C VAL B 101 -19.29 29.20 27.74
N LYS B 102 -18.23 28.46 28.09
CA LYS B 102 -16.87 28.98 28.28
C LYS B 102 -16.00 28.52 27.11
N ALA B 103 -14.83 29.15 26.94
CA ALA B 103 -13.88 28.79 25.89
C ALA B 103 -13.43 27.33 26.06
N GLY B 104 -13.43 26.59 24.94
CA GLY B 104 -13.06 25.18 24.95
C GLY B 104 -14.18 24.21 25.22
N GLU B 105 -15.41 24.73 25.43
CA GLU B 105 -16.62 23.92 25.66
C GLU B 105 -17.50 23.89 24.41
N ILE B 106 -18.33 22.83 24.28
CA ILE B 106 -19.25 22.66 23.15
C ILE B 106 -20.68 22.54 23.68
N VAL B 107 -21.58 23.29 23.07
CA VAL B 107 -23.00 23.27 23.40
C VAL B 107 -23.76 22.94 22.12
N CYS B 109 -27.57 23.10 20.71
CA CYS B 109 -28.86 23.73 20.86
C CYS B 109 -29.95 22.77 20.39
N GLU B 110 -31.15 22.95 20.89
CA GLU B 110 -32.26 22.12 20.47
C GLU B 110 -32.63 22.50 19.07
N ASN B 111 -33.39 21.65 18.41
CA ASN B 111 -33.62 21.81 17.00
C ASN B 111 -34.21 23.18 16.69
N VAL B 112 -33.62 23.84 15.71
CA VAL B 112 -33.97 25.21 15.34
C VAL B 112 -35.39 25.35 14.82
N ARG B 113 -35.80 24.37 14.04
CA ARG B 113 -37.10 24.35 13.35
C ARG B 113 -38.33 24.28 14.27
N PHE B 114 -38.09 24.25 15.59
CA PHE B 114 -39.14 24.25 16.61
C PHE B 114 -39.58 25.69 16.88
N ASN B 115 -38.68 26.64 16.61
CA ASN B 115 -38.93 28.06 16.89
C ASN B 115 -39.76 28.72 15.79
N SER B 116 -40.83 29.38 16.20
CA SER B 116 -41.73 30.13 15.32
C SER B 116 -40.93 31.27 14.67
N GLY B 117 -40.88 31.24 13.33
CA GLY B 117 -40.17 32.22 12.51
C GLY B 117 -38.89 31.72 11.88
N GLU B 118 -38.55 30.43 12.11
CA GLU B 118 -37.33 29.84 11.56
C GLU B 118 -37.36 29.82 10.01
N LYS B 119 -38.34 29.16 9.38
CA LYS B 119 -38.47 29.07 7.93
C LYS B 119 -38.62 30.43 7.23
N LYS B 120 -39.31 31.38 7.88
CA LYS B 120 -39.57 32.69 7.32
C LYS B 120 -38.36 33.63 7.51
N SER B 121 -37.52 33.34 8.54
CA SER B 121 -36.35 34.16 8.92
C SER B 121 -36.85 35.54 9.42
N THR B 122 -37.73 35.53 10.44
CA THR B 122 -38.29 36.75 11.03
C THR B 122 -37.21 37.53 11.77
N ASP B 123 -37.29 38.85 11.74
CA ASP B 123 -36.33 39.74 12.39
C ASP B 123 -36.26 39.49 13.90
N ASP B 124 -37.40 39.24 14.56
CA ASP B 124 -37.48 38.99 16.00
C ASP B 124 -36.63 37.78 16.43
N LEU B 125 -36.78 36.63 15.74
CA LEU B 125 -36.02 35.40 16.03
C LEU B 125 -34.56 35.56 15.63
N SER B 126 -34.30 36.18 14.47
CA SER B 126 -32.96 36.41 13.95
C SER B 126 -32.14 37.28 14.88
N LYS B 127 -32.77 38.33 15.47
CA LYS B 127 -32.14 39.22 16.42
C LYS B 127 -31.79 38.47 17.71
N LYS B 128 -32.70 37.59 18.17
CA LYS B 128 -32.56 36.78 19.38
C LYS B 128 -31.43 35.76 19.23
N ILE B 129 -31.37 35.05 18.08
CA ILE B 129 -30.27 34.09 17.84
C ILE B 129 -28.93 34.86 17.83
N ALA B 130 -28.88 36.00 17.12
CA ALA B 130 -27.68 36.83 17.02
C ALA B 130 -27.16 37.30 18.38
N SER B 131 -28.06 37.64 19.32
CA SER B 131 -27.67 38.14 20.66
C SER B 131 -26.89 37.09 21.50
N LEU B 132 -27.03 35.81 21.18
CA LEU B 132 -26.39 34.68 21.88
C LEU B 132 -24.87 34.59 21.67
N GLY B 133 -24.35 35.16 20.59
CA GLY B 133 -22.93 35.06 20.29
C GLY B 133 -22.33 36.29 19.65
N ASP B 134 -21.02 36.22 19.37
CA ASP B 134 -20.24 37.30 18.78
C ASP B 134 -19.87 37.01 17.32
N VAL B 135 -19.79 35.70 16.95
CA VAL B 135 -19.41 35.23 15.62
C VAL B 135 -20.39 34.20 15.16
N PHE B 136 -20.79 34.26 13.87
CA PHE B 136 -21.64 33.24 13.26
C PHE B 136 -20.87 32.51 12.16
N VAL B 137 -20.83 31.18 12.24
CA VAL B 137 -20.15 30.33 11.26
C VAL B 137 -21.18 29.49 10.50
N ASP B 139 -21.90 26.52 8.38
CA ASP B 139 -21.21 25.33 7.89
C ASP B 139 -22.20 24.28 7.33
N ALA B 140 -23.46 24.66 7.07
CA ALA B 140 -24.46 23.70 6.56
C ALA B 140 -24.90 24.04 5.14
N PHE B 141 -24.08 23.63 4.15
CA PHE B 141 -24.40 23.85 2.72
C PHE B 141 -25.78 23.32 2.34
N ALA B 142 -26.21 22.20 2.90
CA ALA B 142 -27.52 21.60 2.58
C ALA B 142 -28.72 22.52 2.85
N THR B 143 -28.54 23.63 3.60
CA THR B 143 -29.64 24.58 3.85
C THR B 143 -29.33 25.99 3.33
N ALA B 144 -28.24 26.15 2.56
CA ALA B 144 -27.79 27.43 2.05
C ALA B 144 -28.77 28.07 1.03
N HIS B 145 -29.62 27.25 0.41
CA HIS B 145 -30.60 27.66 -0.62
C HIS B 145 -31.92 28.20 -0.02
N ARG B 146 -32.04 28.15 1.31
CA ARG B 146 -33.19 28.61 2.06
C ARG B 146 -32.78 29.70 3.04
N ALA B 147 -33.50 30.82 3.03
CA ALA B 147 -33.24 31.94 3.93
C ALA B 147 -34.04 31.72 5.20
N GLN B 148 -33.37 31.19 6.22
CA GLN B 148 -33.95 30.84 7.52
C GLN B 148 -33.22 31.60 8.60
N ALA B 149 -33.88 31.83 9.74
CA ALA B 149 -33.30 32.63 10.83
C ALA B 149 -31.91 32.13 11.30
N SER B 150 -31.66 30.82 11.35
CA SER B 150 -30.37 30.29 11.80
C SER B 150 -29.35 30.07 10.66
N THR B 151 -29.78 30.25 9.41
CA THR B 151 -28.90 30.16 8.26
C THR B 151 -28.68 31.50 7.56
N TYR B 152 -29.66 32.40 7.66
CA TYR B 152 -29.59 33.67 6.95
C TYR B 152 -29.76 34.88 7.85
N GLY B 153 -30.81 34.85 8.66
CA GLY B 153 -31.17 35.95 9.52
C GLY B 153 -30.16 36.28 10.58
N VAL B 154 -29.59 35.25 11.17
CA VAL B 154 -28.58 35.41 12.24
C VAL B 154 -27.40 36.27 11.67
N ALA B 155 -26.93 35.92 10.44
CA ALA B 155 -25.88 36.59 9.70
C ALA B 155 -26.14 38.10 9.50
N LYS B 156 -27.42 38.54 9.41
CA LYS B 156 -27.81 39.96 9.27
C LYS B 156 -27.54 40.78 10.53
N TYR B 157 -27.66 40.16 11.71
CA TYR B 157 -27.56 40.90 12.97
C TYR B 157 -26.31 40.62 13.80
N ILE B 158 -25.60 39.52 13.52
CA ILE B 158 -24.38 39.13 14.24
C ILE B 158 -23.24 40.14 13.89
N PRO B 159 -22.32 40.49 14.84
CA PRO B 159 -21.24 41.44 14.47
C PRO B 159 -20.36 40.92 13.32
N VAL B 160 -19.97 39.61 13.38
CA VAL B 160 -19.10 38.97 12.41
C VAL B 160 -19.75 37.66 11.91
N ALA B 161 -19.78 37.47 10.58
CA ALA B 161 -20.31 36.27 9.92
C ALA B 161 -19.33 35.72 8.91
N CYS B 162 -19.12 34.40 8.92
CA CYS B 162 -18.21 33.75 7.98
C CYS B 162 -18.71 32.35 7.58
N ALA B 163 -17.98 31.67 6.69
CA ALA B 163 -18.24 30.29 6.28
C ALA B 163 -17.25 29.35 6.94
N GLY B 164 -17.70 28.16 7.32
CA GLY B 164 -16.88 27.13 7.93
C GLY B 164 -16.12 26.29 6.90
N ILE B 165 -15.33 25.32 7.39
CA ILE B 165 -14.46 24.48 6.55
C ILE B 165 -15.27 23.67 5.51
N LEU B 166 -16.41 23.07 5.90
CA LEU B 166 -17.23 22.31 4.95
C LEU B 166 -17.83 23.20 3.88
N LEU B 167 -18.48 24.30 4.27
CA LEU B 167 -19.14 25.21 3.34
C LEU B 167 -18.16 25.78 2.28
N THR B 168 -16.99 26.21 2.71
CA THR B 168 -15.96 26.77 1.81
C THR B 168 -15.49 25.69 0.81
N ASN B 169 -15.38 24.46 1.27
CA ASN B 169 -14.85 23.37 0.49
C ASN B 169 -15.84 22.90 -0.57
N GLU B 170 -17.15 22.88 -0.25
CA GLU B 170 -18.20 22.58 -1.22
C GLU B 170 -18.24 23.67 -2.31
N ILE B 171 -18.28 24.99 -1.89
CA ILE B 171 -18.30 26.14 -2.80
C ILE B 171 -17.07 26.09 -3.72
N GLN B 172 -15.90 25.76 -3.18
CA GLN B 172 -14.68 25.68 -3.99
C GLN B 172 -14.78 24.59 -5.07
N ALA B 173 -15.35 23.41 -4.74
CA ALA B 173 -15.49 22.31 -5.68
C ALA B 173 -16.56 22.58 -6.74
N LEU B 174 -17.78 23.05 -6.30
CA LEU B 174 -18.87 23.37 -7.23
C LEU B 174 -18.44 24.46 -8.22
N GLU B 175 -17.75 25.49 -7.74
CA GLU B 175 -17.28 26.56 -8.61
C GLU B 175 -16.19 26.07 -9.57
N LYS B 176 -15.32 25.10 -9.17
CA LYS B 176 -14.30 24.54 -10.09
C LYS B 176 -14.99 23.79 -11.26
N ALA B 177 -16.21 23.27 -11.02
CA ALA B 177 -16.99 22.54 -12.04
C ALA B 177 -17.88 23.46 -12.85
N LEU B 178 -18.58 24.39 -12.20
CA LEU B 178 -19.56 25.26 -12.83
C LEU B 178 -19.06 26.64 -13.26
N LYS B 179 -18.43 27.38 -12.37
CA LYS B 179 -17.87 28.68 -12.69
C LYS B 179 -16.64 28.70 -13.59
N SER B 180 -15.66 27.85 -13.28
CA SER B 180 -14.39 27.86 -13.98
C SER B 180 -13.86 26.50 -14.32
N PRO B 181 -14.55 25.78 -15.19
CA PRO B 181 -14.16 24.43 -15.61
C PRO B 181 -12.96 24.39 -16.56
N LYS B 182 -12.25 23.27 -16.57
CA LYS B 182 -11.23 23.01 -17.56
C LYS B 182 -11.95 22.29 -18.71
N LYS B 183 -12.01 22.94 -19.87
CA LYS B 183 -12.70 22.41 -21.04
C LYS B 183 -11.93 21.23 -21.66
N PRO B 184 -12.60 20.29 -22.30
CA PRO B 184 -14.05 20.25 -22.40
C PRO B 184 -14.76 19.80 -21.14
N ALA B 186 -18.33 18.14 -19.42
CA ALA B 186 -19.51 17.31 -19.64
C ALA B 186 -20.40 17.25 -18.41
N ALA B 187 -21.71 17.40 -18.60
CA ALA B 187 -22.67 17.36 -17.50
C ALA B 187 -23.67 16.26 -17.72
N ILE B 188 -23.99 15.51 -16.65
CA ILE B 188 -24.97 14.42 -16.73
C ILE B 188 -26.17 14.83 -15.93
N VAL B 189 -27.34 14.95 -16.58
CA VAL B 189 -28.56 15.34 -15.87
C VAL B 189 -29.64 14.25 -16.06
N GLY B 190 -29.79 13.41 -15.07
CA GLY B 190 -30.76 12.33 -15.10
C GLY B 190 -31.85 12.53 -14.06
N GLY B 191 -33.00 11.94 -14.29
CA GLY B 191 -34.14 12.10 -13.38
C GLY B 191 -35.44 11.73 -14.05
N SER B 192 -36.51 11.73 -13.28
CA SER B 192 -37.85 11.33 -13.72
C SER B 192 -38.51 12.32 -14.65
N LYS B 193 -38.40 13.62 -14.35
CA LYS B 193 -39.04 14.69 -15.10
C LYS B 193 -38.06 15.73 -15.57
N VAL B 194 -38.34 16.31 -16.73
CA VAL B 194 -37.63 17.43 -17.35
C VAL B 194 -37.98 18.67 -16.53
N SER B 195 -39.30 18.88 -16.28
CA SER B 195 -39.86 20.01 -15.52
C SER B 195 -39.06 20.32 -14.26
N THR B 196 -38.71 19.27 -13.49
CA THR B 196 -37.97 19.37 -12.24
C THR B 196 -36.52 19.82 -12.48
N LYS B 197 -35.91 19.46 -13.62
CA LYS B 197 -34.50 19.82 -13.87
C LYS B 197 -34.36 20.76 -15.08
N LEU B 198 -35.45 21.47 -15.42
CA LEU B 198 -35.49 22.39 -16.56
C LEU B 198 -34.57 23.60 -16.36
N SER B 199 -34.55 24.18 -15.14
CA SER B 199 -33.70 25.33 -14.84
C SER B 199 -32.21 24.93 -14.84
N VAL B 200 -31.90 23.65 -14.47
CA VAL B 200 -30.55 23.07 -14.48
C VAL B 200 -30.09 23.00 -15.95
N LEU B 201 -30.87 22.30 -16.80
CA LEU B 201 -30.61 22.12 -18.23
C LEU B 201 -30.42 23.45 -18.95
N ASN B 202 -31.28 24.46 -18.66
CA ASN B 202 -31.17 25.79 -19.27
C ASN B 202 -29.89 26.51 -18.85
N ASN B 203 -29.44 26.30 -17.62
CA ASN B 203 -28.25 26.96 -17.11
C ASN B 203 -26.97 26.29 -17.58
N LEU B 204 -27.00 24.96 -17.79
CA LEU B 204 -25.81 24.22 -18.20
C LEU B 204 -25.54 24.33 -19.71
N LEU B 205 -26.60 24.48 -20.51
CA LEU B 205 -26.58 24.58 -21.97
C LEU B 205 -25.52 25.56 -22.49
N ASP B 206 -25.35 26.73 -21.84
CA ASP B 206 -24.37 27.75 -22.25
C ASP B 206 -23.05 27.65 -21.46
N LYS B 207 -22.81 26.54 -20.73
CA LYS B 207 -21.62 26.35 -19.89
C LYS B 207 -20.81 25.08 -20.23
N VAL B 208 -21.49 24.05 -20.74
CA VAL B 208 -20.91 22.73 -21.05
C VAL B 208 -20.54 22.59 -22.52
N GLU B 209 -19.79 21.52 -22.80
CA GLU B 209 -19.44 21.10 -24.16
C GLU B 209 -20.29 19.87 -24.53
N ILE B 210 -20.55 19.02 -23.53
CA ILE B 210 -21.33 17.76 -23.59
C ILE B 210 -22.44 17.79 -22.55
N LEU B 211 -23.69 17.57 -22.97
CA LEU B 211 -24.81 17.49 -22.04
C LEU B 211 -25.50 16.13 -22.18
N ILE B 212 -25.23 15.22 -21.25
CA ILE B 212 -25.81 13.88 -21.25
C ILE B 212 -27.12 13.90 -20.43
N VAL B 213 -28.23 13.46 -21.03
CA VAL B 213 -29.53 13.36 -20.35
C VAL B 213 -29.81 11.88 -19.98
N GLY B 214 -30.45 11.66 -18.84
CA GLY B 214 -30.76 10.31 -18.37
C GLY B 214 -32.14 10.09 -17.81
N GLY B 215 -32.56 8.83 -17.80
CA GLY B 215 -33.84 8.37 -17.28
C GLY B 215 -35.04 8.97 -17.99
N GLY B 216 -36.04 9.35 -17.19
CA GLY B 216 -37.25 9.99 -17.69
C GLY B 216 -36.98 11.22 -18.54
N ILE B 217 -35.90 11.98 -18.21
CA ILE B 217 -35.47 13.19 -18.93
C ILE B 217 -35.08 12.78 -20.36
N ALA B 218 -34.20 11.77 -20.51
CA ALA B 218 -33.81 11.27 -21.82
C ALA B 218 -35.01 10.76 -22.64
N ASN B 219 -36.01 10.10 -22.01
CA ASN B 219 -37.18 9.58 -22.73
C ASN B 219 -38.01 10.70 -23.37
N THR B 220 -38.06 11.89 -22.70
CA THR B 220 -38.77 13.08 -23.17
C THR B 220 -37.99 13.70 -24.35
N PHE B 221 -36.66 13.43 -24.43
CA PHE B 221 -35.79 13.90 -25.51
C PHE B 221 -35.90 12.98 -26.71
N ILE B 222 -36.20 11.70 -26.48
CA ILE B 222 -36.40 10.70 -27.53
C ILE B 222 -37.71 11.02 -28.25
N LYS B 223 -38.76 11.38 -27.47
CA LYS B 223 -40.07 11.76 -28.00
C LYS B 223 -39.95 13.12 -28.72
N ALA B 224 -39.05 14.03 -28.27
CA ALA B 224 -38.81 15.31 -28.96
C ALA B 224 -38.09 15.07 -30.28
N GLU B 225 -37.30 13.98 -30.36
CA GLU B 225 -36.62 13.55 -31.59
C GLU B 225 -37.61 12.75 -32.47
N GLY B 226 -38.88 12.69 -32.04
CA GLY B 226 -39.99 12.06 -32.75
C GLY B 226 -40.19 10.57 -32.63
N PHE B 227 -39.38 9.89 -31.83
CA PHE B 227 -39.59 8.44 -31.68
C PHE B 227 -40.72 8.16 -30.71
N ASP B 228 -41.34 6.97 -30.84
CA ASP B 228 -42.38 6.49 -29.94
C ASP B 228 -41.68 5.80 -28.81
N VAL B 229 -42.05 6.20 -27.60
CA VAL B 229 -41.47 5.73 -26.34
C VAL B 229 -42.34 4.68 -25.67
N GLY B 230 -43.46 4.34 -26.31
CA GLY B 230 -44.42 3.38 -25.78
C GLY B 230 -44.89 3.76 -24.40
N ASN B 231 -44.77 2.81 -23.44
CA ASN B 231 -45.23 2.95 -22.06
C ASN B 231 -44.13 3.44 -21.11
N SER B 232 -43.10 4.08 -21.65
CA SER B 232 -41.99 4.63 -20.87
C SER B 232 -42.40 5.87 -20.10
N LEU B 233 -41.60 6.22 -19.07
CA LEU B 233 -41.84 7.41 -18.28
C LEU B 233 -41.29 8.60 -19.07
N TYR B 234 -42.13 9.59 -19.33
CA TYR B 234 -41.77 10.82 -20.04
C TYR B 234 -42.85 11.89 -19.79
N GLU B 235 -42.56 13.14 -20.18
CA GLU B 235 -43.48 14.26 -20.02
C GLU B 235 -43.90 14.78 -21.37
N GLN B 236 -45.12 14.45 -21.79
CA GLN B 236 -45.62 14.94 -23.07
C GLN B 236 -45.72 16.50 -23.05
N ASP B 237 -45.99 17.08 -21.86
CA ASP B 237 -46.11 18.53 -21.65
C ASP B 237 -44.76 19.28 -21.77
N LEU B 238 -43.64 18.59 -21.57
CA LEU B 238 -42.30 19.20 -21.66
C LEU B 238 -41.57 18.80 -22.96
N VAL B 239 -42.26 18.08 -23.89
CA VAL B 239 -41.70 17.64 -25.18
C VAL B 239 -41.28 18.88 -25.99
N ALA B 240 -42.09 19.98 -25.90
CA ALA B 240 -41.84 21.26 -26.57
C ALA B 240 -40.64 21.96 -25.97
N GLU B 241 -40.56 22.01 -24.62
CA GLU B 241 -39.44 22.65 -23.92
C GLU B 241 -38.13 21.94 -24.28
N ALA B 242 -38.19 20.59 -24.41
CA ALA B 242 -37.08 19.69 -24.79
C ALA B 242 -36.63 19.97 -26.23
N THR B 243 -37.59 20.27 -27.13
CA THR B 243 -37.33 20.56 -28.54
C THR B 243 -36.53 21.85 -28.67
N GLU B 244 -36.96 22.90 -27.93
CA GLU B 244 -36.29 24.19 -27.84
C GLU B 244 -34.87 24.00 -27.25
N ILE B 245 -34.66 22.97 -26.38
CA ILE B 245 -33.34 22.70 -25.76
C ILE B 245 -32.37 22.08 -26.78
N LEU B 246 -32.85 21.10 -27.58
CA LEU B 246 -32.06 20.42 -28.61
C LEU B 246 -31.65 21.37 -29.73
N ALA B 247 -32.52 22.36 -30.05
CA ALA B 247 -32.24 23.34 -31.08
C ALA B 247 -31.20 24.35 -30.58
N LYS B 248 -31.34 24.79 -29.32
CA LYS B 248 -30.41 25.75 -28.70
C LYS B 248 -29.01 25.13 -28.60
N ALA B 249 -28.95 23.82 -28.23
CA ALA B 249 -27.72 23.04 -28.12
C ALA B 249 -27.01 22.95 -29.47
N LYS B 250 -27.78 22.64 -30.53
CA LYS B 250 -27.32 22.54 -31.91
C LYS B 250 -26.61 23.84 -32.34
N ALA B 251 -27.27 24.99 -32.09
CA ALA B 251 -26.76 26.33 -32.40
C ALA B 251 -25.51 26.65 -31.57
N LEU B 252 -25.46 26.19 -30.29
CA LEU B 252 -24.34 26.42 -29.38
C LEU B 252 -23.16 25.47 -29.64
N GLY B 253 -23.42 24.36 -30.32
CA GLY B 253 -22.40 23.35 -30.60
C GLY B 253 -22.17 22.41 -29.44
N VAL B 254 -23.21 22.24 -28.60
CA VAL B 254 -23.23 21.35 -27.43
C VAL B 254 -23.68 19.97 -27.90
N ASN B 255 -23.05 18.90 -27.39
CA ASN B 255 -23.44 17.54 -27.77
C ASN B 255 -24.43 16.97 -26.75
N ILE B 256 -25.64 16.66 -27.20
CA ILE B 256 -26.64 15.99 -26.38
C ILE B 256 -26.77 14.57 -26.97
N PRO B 257 -26.06 13.55 -26.41
CA PRO B 257 -26.12 12.21 -26.99
C PRO B 257 -27.41 11.46 -26.63
N VAL B 258 -28.53 11.82 -27.34
CA VAL B 258 -29.84 11.18 -27.14
C VAL B 258 -29.67 9.69 -27.49
N PRO B 259 -30.15 8.76 -26.61
CA PRO B 259 -29.94 7.32 -26.88
C PRO B 259 -30.31 6.89 -28.29
N VAL B 260 -29.42 6.10 -28.90
CA VAL B 260 -29.59 5.54 -30.24
C VAL B 260 -30.16 4.13 -30.10
N ASP B 261 -29.97 3.53 -28.89
CA ASP B 261 -30.49 2.23 -28.50
C ASP B 261 -30.89 2.27 -27.02
N VAL B 262 -31.81 1.37 -26.61
CA VAL B 262 -32.38 1.32 -25.26
C VAL B 262 -32.52 -0.13 -24.78
N ARG B 263 -32.79 -0.28 -23.47
CA ARG B 263 -33.08 -1.58 -22.85
C ARG B 263 -34.49 -1.47 -22.30
N VAL B 264 -35.44 -2.15 -22.96
CA VAL B 264 -36.85 -2.10 -22.59
C VAL B 264 -37.25 -3.30 -21.72
N ALA B 265 -38.43 -3.18 -21.09
CA ALA B 265 -39.06 -4.20 -20.26
C ALA B 265 -40.55 -4.24 -20.53
N LYS B 266 -41.17 -5.36 -20.22
CA LYS B 266 -42.61 -5.57 -20.41
C LYS B 266 -43.33 -5.57 -19.06
N GLU B 267 -42.54 -5.38 -17.97
CA GLU B 267 -42.95 -5.37 -16.56
C GLU B 267 -41.92 -4.56 -15.76
N PHE B 268 -42.39 -3.65 -14.89
CA PHE B 268 -41.50 -2.83 -14.06
C PHE B 268 -41.19 -3.60 -12.76
N SER B 269 -40.21 -4.52 -12.79
CA SER B 269 -39.81 -5.31 -11.62
C SER B 269 -38.35 -5.75 -11.73
N GLU B 270 -37.73 -6.09 -10.57
CA GLU B 270 -36.34 -6.59 -10.45
C GLU B 270 -36.16 -7.97 -11.12
N ASN B 271 -37.26 -8.62 -11.47
CA ASN B 271 -37.29 -9.93 -12.11
C ASN B 271 -37.31 -9.79 -13.63
N ALA B 272 -37.75 -8.63 -14.17
CA ALA B 272 -37.86 -8.36 -15.59
C ALA B 272 -36.54 -8.54 -16.33
N GLN B 273 -36.63 -8.96 -17.60
CA GLN B 273 -35.47 -9.13 -18.47
C GLN B 273 -35.40 -7.97 -19.43
N ALA B 274 -34.20 -7.51 -19.71
CA ALA B 274 -33.98 -6.39 -20.62
C ALA B 274 -33.98 -6.87 -22.05
N ILE B 275 -34.60 -6.09 -22.94
CA ILE B 275 -34.61 -6.36 -24.38
C ILE B 275 -33.91 -5.16 -25.02
N ILE B 276 -32.75 -5.40 -25.69
CA ILE B 276 -32.00 -4.36 -26.37
C ILE B 276 -32.69 -4.05 -27.69
N LYS B 277 -33.14 -2.81 -27.82
CA LYS B 277 -33.79 -2.36 -29.04
C LYS B 277 -33.19 -1.07 -29.51
N LYS B 278 -33.28 -0.79 -30.82
CA LYS B 278 -32.89 0.49 -31.38
C LYS B 278 -33.95 1.48 -30.89
N VAL B 279 -33.58 2.75 -30.63
CA VAL B 279 -34.50 3.77 -30.07
C VAL B 279 -35.78 4.01 -30.94
N SER B 280 -35.79 3.54 -32.18
CA SER B 280 -36.92 3.69 -33.08
C SER B 280 -37.84 2.46 -33.10
N ASP B 281 -37.45 1.36 -32.42
CA ASP B 281 -38.20 0.11 -32.41
C ASP B 281 -38.92 -0.15 -31.07
N VAL B 282 -39.28 0.91 -30.31
CA VAL B 282 -40.01 0.75 -29.05
C VAL B 282 -41.53 0.62 -29.38
N VAL B 283 -42.12 -0.43 -28.84
CA VAL B 283 -43.51 -0.84 -28.98
C VAL B 283 -44.36 -0.24 -27.83
N ALA B 284 -45.67 -0.04 -28.08
CA ALA B 284 -46.67 0.53 -27.17
C ALA B 284 -46.69 -0.10 -25.75
N ASP B 285 -46.38 -1.41 -25.60
CA ASP B 285 -46.43 -2.11 -24.29
C ASP B 285 -45.07 -2.16 -23.54
N GLU B 286 -43.97 -1.77 -24.19
CA GLU B 286 -42.63 -1.77 -23.61
C GLU B 286 -42.31 -0.46 -22.86
N ILE B 288 -38.89 1.96 -21.57
CA ILE B 288 -37.44 2.21 -21.57
C ILE B 288 -37.01 2.35 -20.10
N LEU B 289 -36.19 1.39 -19.62
CA LEU B 289 -35.72 1.38 -18.23
C LEU B 289 -34.22 1.63 -18.13
N ASP B 290 -33.51 1.56 -19.27
CA ASP B 290 -32.09 1.79 -19.37
C ASP B 290 -31.72 2.11 -20.81
N ILE B 291 -30.54 2.70 -21.00
CA ILE B 291 -29.98 2.95 -22.32
C ILE B 291 -29.41 1.61 -22.83
N GLY B 292 -29.12 1.54 -24.12
CA GLY B 292 -28.59 0.34 -24.73
C GLY B 292 -27.07 0.37 -24.83
N PRO B 293 -26.49 -0.76 -25.29
CA PRO B 293 -25.02 -0.86 -25.40
C PRO B 293 -24.32 0.18 -26.27
N GLU B 294 -24.92 0.59 -27.41
CA GLU B 294 -24.30 1.60 -28.26
C GLU B 294 -24.29 2.98 -27.58
N SER B 295 -25.38 3.34 -26.87
CA SER B 295 -25.56 4.63 -26.16
C SER B 295 -24.52 4.83 -25.07
N GLN B 296 -24.27 3.73 -24.34
CA GLN B 296 -23.36 3.44 -23.26
C GLN B 296 -21.90 3.65 -23.69
N LYS B 297 -21.51 3.10 -24.87
CA LYS B 297 -20.16 3.26 -25.40
C LYS B 297 -19.93 4.70 -25.85
N ILE B 298 -20.99 5.36 -26.41
CA ILE B 298 -20.93 6.77 -26.84
C ILE B 298 -20.67 7.66 -25.60
N ILE B 299 -21.38 7.42 -24.50
CA ILE B 299 -21.21 8.20 -23.27
C ILE B 299 -19.80 8.00 -22.71
N ALA B 300 -19.29 6.75 -22.72
CA ALA B 300 -17.95 6.42 -22.22
C ALA B 300 -16.88 7.17 -22.99
N GLU B 301 -16.97 7.16 -24.34
CA GLU B 301 -16.02 7.78 -25.26
C GLU B 301 -16.04 9.31 -25.11
N LEU B 302 -17.21 9.90 -24.83
CA LEU B 302 -17.34 11.34 -24.62
C LEU B 302 -16.72 11.74 -23.29
N LEU B 303 -17.07 11.01 -22.20
CA LEU B 303 -16.56 11.27 -20.85
C LEU B 303 -15.07 11.06 -20.77
N LYS B 304 -14.51 10.23 -21.66
CA LYS B 304 -13.07 9.95 -21.77
C LYS B 304 -12.31 11.22 -22.14
N SER B 305 -12.87 12.04 -23.06
CA SER B 305 -12.30 13.28 -23.56
C SER B 305 -12.42 14.47 -22.58
N ALA B 306 -13.42 14.45 -21.70
CA ALA B 306 -13.72 15.51 -20.73
C ALA B 306 -12.61 15.74 -19.71
N ASN B 307 -12.39 17.01 -19.33
CA ASN B 307 -11.46 17.45 -18.29
C ASN B 307 -12.21 17.84 -17.02
N THR B 308 -13.52 18.07 -17.14
CA THR B 308 -14.41 18.39 -16.02
C THR B 308 -15.72 17.62 -16.19
N ILE B 309 -16.17 16.98 -15.13
CA ILE B 309 -17.41 16.22 -15.13
C ILE B 309 -18.31 16.68 -13.99
N LEU B 310 -19.54 17.05 -14.33
CA LEU B 310 -20.60 17.43 -13.39
C LEU B 310 -21.65 16.34 -13.48
N TRP B 311 -21.85 15.56 -12.43
CA TRP B 311 -22.72 14.40 -12.50
C TRP B 311 -23.97 14.53 -11.64
N ASN B 312 -25.14 14.45 -12.27
CA ASN B 312 -26.41 14.61 -11.57
C ASN B 312 -27.52 13.64 -11.96
N GLY B 313 -27.42 12.39 -11.56
CA GLY B 313 -28.43 11.39 -11.88
C GLY B 313 -28.00 10.29 -12.82
N PRO B 314 -28.74 9.19 -12.79
CA PRO B 314 -28.38 7.99 -13.58
C PRO B 314 -28.93 8.08 -15.01
N VAL B 315 -28.68 7.03 -15.81
CA VAL B 315 -29.13 6.96 -17.20
C VAL B 315 -30.15 5.81 -17.34
N GLY B 316 -30.48 5.16 -16.22
CA GLY B 316 -31.42 4.05 -16.16
C GLY B 316 -31.87 3.67 -14.76
N VAL B 317 -32.73 2.64 -14.64
CA VAL B 317 -33.25 2.17 -13.34
C VAL B 317 -32.21 1.15 -12.81
N PHE B 318 -31.05 1.70 -12.34
CA PHE B 318 -29.90 0.94 -11.88
C PHE B 318 -30.18 0.05 -10.64
N GLU B 319 -31.28 0.33 -9.91
CA GLU B 319 -31.71 -0.46 -8.75
C GLU B 319 -32.04 -1.92 -9.22
N PHE B 320 -32.45 -2.06 -10.51
CA PHE B 320 -32.73 -3.34 -11.19
C PHE B 320 -31.47 -3.72 -11.97
N ASP B 321 -30.78 -4.79 -11.56
CA ASP B 321 -29.50 -5.24 -12.14
C ASP B 321 -29.52 -5.40 -13.68
N ASN B 322 -30.66 -5.81 -14.27
CA ASN B 322 -30.76 -5.97 -15.71
C ASN B 322 -30.90 -4.64 -16.45
N PHE B 323 -31.02 -3.54 -15.69
CA PHE B 323 -31.15 -2.16 -16.18
C PHE B 323 -30.14 -1.25 -15.49
N ALA B 324 -29.02 -1.84 -15.01
CA ALA B 324 -27.96 -1.14 -14.28
C ALA B 324 -26.72 -0.94 -15.15
N GLU B 325 -26.61 -1.65 -16.31
CA GLU B 325 -25.44 -1.61 -17.20
C GLU B 325 -25.12 -0.20 -17.72
N GLY B 326 -26.12 0.57 -18.09
CA GLY B 326 -25.93 1.95 -18.53
C GLY B 326 -25.30 2.82 -17.46
N THR B 327 -25.85 2.78 -16.22
CA THR B 327 -25.34 3.59 -15.10
C THR B 327 -23.99 3.04 -14.61
N LYS B 328 -23.79 1.71 -14.70
CA LYS B 328 -22.54 1.07 -14.29
C LYS B 328 -21.41 1.55 -15.19
N ALA B 329 -21.66 1.60 -16.50
CA ALA B 329 -20.66 2.04 -17.47
C ALA B 329 -20.39 3.52 -17.32
N LEU B 330 -21.42 4.33 -17.01
CA LEU B 330 -21.26 5.75 -16.75
C LEU B 330 -20.35 5.92 -15.51
N SER B 331 -20.74 5.29 -14.39
CA SER B 331 -19.98 5.30 -13.14
C SER B 331 -18.48 4.87 -13.32
N LEU B 332 -18.21 3.82 -14.11
CA LEU B 332 -16.84 3.34 -14.30
C LEU B 332 -16.03 4.28 -15.18
N ALA B 333 -16.69 4.95 -16.17
CA ALA B 333 -16.05 5.92 -17.08
C ALA B 333 -15.61 7.13 -16.30
N ILE B 334 -16.45 7.58 -15.35
CA ILE B 334 -16.16 8.69 -14.45
C ILE B 334 -15.03 8.27 -13.48
N ALA B 335 -15.14 7.06 -12.90
CA ALA B 335 -14.13 6.53 -11.99
C ALA B 335 -12.73 6.44 -12.66
N GLN B 336 -12.65 5.95 -13.90
CA GLN B 336 -11.40 5.78 -14.66
C GLN B 336 -10.82 7.08 -15.20
N SER B 337 -11.66 8.10 -15.31
CA SER B 337 -11.30 9.42 -15.81
C SER B 337 -10.35 10.14 -14.87
N HIS B 338 -9.52 11.02 -15.44
CA HIS B 338 -8.60 11.87 -14.68
C HIS B 338 -9.23 13.24 -14.51
N ALA B 339 -10.47 13.40 -15.01
CA ALA B 339 -11.19 14.67 -14.96
C ALA B 339 -11.59 15.00 -13.54
N PHE B 340 -11.70 16.29 -13.24
CA PHE B 340 -12.20 16.75 -11.96
C PHE B 340 -13.71 16.48 -12.02
N SER B 341 -14.17 15.56 -11.19
CA SER B 341 -15.57 15.14 -11.19
C SER B 341 -16.31 15.59 -9.93
N VAL B 342 -17.49 16.20 -10.14
CA VAL B 342 -18.36 16.65 -9.06
C VAL B 342 -19.70 15.95 -9.23
N ALA B 343 -20.11 15.18 -8.22
CA ALA B 343 -21.37 14.45 -8.21
C ALA B 343 -22.27 14.94 -7.08
N GLY B 344 -23.56 14.87 -7.33
CA GLY B 344 -24.59 15.27 -6.40
C GLY B 344 -25.93 14.70 -6.81
N GLY B 345 -26.80 14.49 -5.83
CA GLY B 345 -28.14 13.93 -5.99
C GLY B 345 -28.26 12.60 -5.29
N GLY B 346 -29.42 12.38 -4.69
CA GLY B 346 -29.72 11.14 -3.96
C GLY B 346 -29.47 9.88 -4.75
N ASP B 347 -29.95 9.88 -6.02
CA ASP B 347 -29.82 8.75 -6.94
C ASP B 347 -28.38 8.54 -7.39
N THR B 348 -27.64 9.66 -7.59
CA THR B 348 -26.23 9.68 -7.99
C THR B 348 -25.39 9.06 -6.90
N ILE B 349 -25.63 9.46 -5.62
CA ILE B 349 -24.91 8.95 -4.45
C ILE B 349 -25.23 7.44 -4.31
N ALA B 350 -26.51 7.03 -4.50
CA ALA B 350 -26.94 5.62 -4.46
C ALA B 350 -26.21 4.79 -5.55
N ALA B 351 -25.96 5.41 -6.73
CA ALA B 351 -25.24 4.77 -7.84
C ALA B 351 -23.75 4.64 -7.50
N ILE B 352 -23.12 5.71 -6.97
CA ILE B 352 -21.71 5.71 -6.55
C ILE B 352 -21.48 4.60 -5.52
N GLU B 353 -22.40 4.49 -4.54
CA GLU B 353 -22.35 3.48 -3.49
C GLU B 353 -22.49 2.05 -4.06
N LYS B 354 -23.46 1.83 -4.96
CA LYS B 354 -23.69 0.51 -5.57
C LYS B 354 -22.46 0.08 -6.39
N PHE B 355 -21.90 0.99 -7.20
CA PHE B 355 -20.79 0.66 -8.08
C PHE B 355 -19.39 0.80 -7.42
N GLY B 356 -19.37 1.23 -6.14
CA GLY B 356 -18.18 1.34 -5.30
C GLY B 356 -17.09 2.26 -5.81
N ILE B 357 -17.45 3.41 -6.41
CA ILE B 357 -16.48 4.35 -7.00
C ILE B 357 -16.31 5.64 -6.15
N LYS B 358 -16.81 5.66 -4.91
CA LYS B 358 -16.75 6.82 -4.00
C LYS B 358 -15.35 7.48 -3.99
N ASP B 359 -14.29 6.69 -3.79
CA ASP B 359 -12.92 7.22 -3.74
C ASP B 359 -12.39 7.67 -5.09
N GLN B 360 -13.16 7.49 -6.17
CA GLN B 360 -12.72 7.85 -7.53
C GLN B 360 -13.50 9.05 -8.11
N VAL B 361 -14.34 9.69 -7.30
CA VAL B 361 -15.09 10.88 -7.68
C VAL B 361 -14.38 12.01 -6.95
N SER B 362 -14.02 13.10 -7.64
CA SER B 362 -13.24 14.18 -6.99
C SER B 362 -13.97 14.78 -5.82
N TYR B 363 -15.24 15.14 -5.99
CA TYR B 363 -16.03 15.70 -4.91
C TYR B 363 -17.49 15.21 -4.96
N ILE B 364 -17.98 14.71 -3.83
CA ILE B 364 -19.35 14.21 -3.74
C ILE B 364 -20.13 15.13 -2.79
N SER B 365 -21.14 15.81 -3.34
CA SER B 365 -22.00 16.69 -2.57
C SER B 365 -23.05 15.86 -1.85
N THR B 366 -23.26 16.16 -0.58
CA THR B 366 -24.27 15.45 0.23
C THR B 366 -25.58 16.25 0.28
N ALA B 367 -25.62 17.39 -0.41
CA ALA B 367 -26.79 18.26 -0.45
C ALA B 367 -27.74 17.85 -1.56
N GLY B 368 -29.03 18.06 -1.35
CA GLY B 368 -30.04 17.73 -2.33
C GLY B 368 -30.45 18.94 -3.11
N GLY B 369 -31.37 19.72 -2.53
CA GLY B 369 -31.93 20.94 -3.11
C GLY B 369 -30.94 22.07 -3.32
N ALA B 370 -29.92 22.20 -2.44
CA ALA B 370 -28.90 23.26 -2.52
C ALA B 370 -27.96 23.02 -3.68
N PHE B 371 -27.54 21.78 -3.86
CA PHE B 371 -26.68 21.40 -4.96
C PHE B 371 -27.39 21.64 -6.28
N LEU B 372 -28.67 21.26 -6.32
CA LEU B 372 -29.48 21.46 -7.51
C LEU B 372 -29.72 22.93 -7.85
N GLU B 373 -30.01 23.73 -6.85
CA GLU B 373 -30.22 25.15 -7.02
C GLU B 373 -28.96 25.86 -7.48
N PHE B 374 -27.84 25.45 -6.95
CA PHE B 374 -26.52 25.97 -7.36
C PHE B 374 -26.35 25.67 -8.84
N LEU B 375 -26.72 24.45 -9.26
CA LEU B 375 -26.63 23.97 -10.64
C LEU B 375 -27.63 24.71 -11.52
N GLU B 376 -28.73 25.23 -10.95
CA GLU B 376 -29.72 26.03 -11.69
C GLU B 376 -29.15 27.43 -11.98
N GLY B 377 -28.06 27.78 -11.30
CA GLY B 377 -27.41 29.08 -11.40
C GLY B 377 -28.01 30.10 -10.44
N LYS B 378 -28.86 29.65 -9.51
CA LYS B 378 -29.52 30.52 -8.54
C LYS B 378 -28.51 30.95 -7.47
N LYS B 379 -28.74 32.15 -6.90
CA LYS B 379 -27.86 32.67 -5.85
C LYS B 379 -28.42 32.21 -4.51
N LEU B 380 -27.62 31.42 -3.77
CA LEU B 380 -28.04 30.85 -2.49
C LEU B 380 -28.02 31.92 -1.40
N PRO B 381 -29.18 32.18 -0.76
CA PRO B 381 -29.27 33.27 0.25
C PRO B 381 -28.22 33.23 1.37
N ALA B 382 -27.92 32.04 1.92
CA ALA B 382 -26.91 31.94 2.98
C ALA B 382 -25.49 32.30 2.48
N ILE B 383 -25.14 32.01 1.20
CA ILE B 383 -23.82 32.38 0.69
C ILE B 383 -23.80 33.89 0.46
N GLU B 384 -24.88 34.42 -0.12
CA GLU B 384 -25.06 35.84 -0.46
C GLU B 384 -24.94 36.76 0.75
N ILE B 385 -25.66 36.45 1.85
CA ILE B 385 -25.58 37.26 3.06
C ILE B 385 -24.14 37.24 3.64
N LEU B 386 -23.39 36.12 3.46
CA LEU B 386 -22.01 36.00 3.95
C LEU B 386 -21.10 36.93 3.17
N LYS B 387 -21.40 37.14 1.88
CA LYS B 387 -20.67 38.03 0.98
C LYS B 387 -20.96 39.50 1.33
N GLU B 388 -22.23 39.83 1.65
CA GLU B 388 -22.66 41.17 2.06
C GLU B 388 -22.02 41.57 3.39
N LYS B 389 -21.83 40.58 4.28
CA LYS B 389 -21.21 40.79 5.58
C LYS B 389 -19.69 40.85 5.49
N ALA B 390 -19.11 40.39 4.36
CA ALA B 390 -17.67 40.46 4.12
C ALA B 390 -17.24 41.89 3.72
N ILE B 391 -18.19 42.67 3.13
CA ILE B 391 -17.99 44.06 2.69
C ILE B 391 -18.11 45.00 3.90
#